data_3H5U
#
_entry.id   3H5U
#
_cell.length_a   86.019
_cell.length_b   105.664
_cell.length_c   125.509
_cell.angle_alpha   90.00
_cell.angle_beta   90.00
_cell.angle_gamma   90.00
#
_symmetry.space_group_name_H-M   'P 21 21 21'
#
loop_
_entity.id
_entity.type
_entity.pdbx_description
1 polymer 'RNA-directed RNA polymerase'
2 non-polymer N-({3-[(5S)-5-tert-butyl-1-(4-fluorobenzyl)-4-hydroxy-2-oxo-2,5-dihydro-1H-pyrrol-3-yl]-1,1-dioxido-1,2-benzisothiazol-7-yl}methyl)methanesulfonamide
3 water water
#
_entity_poly.entity_id   1
_entity_poly.type   'polypeptide(L)'
_entity_poly.pdbx_seq_one_letter_code
;MHHHHHHMSYTWTGALITPCAAEESKLPINALSNSLLRHHNMVYATTSRSAGLRQKKVTFDRLQVLDDHYRDVLKEMKAK
ASTVKAKLLSVEEACKLTPPHSAKSKFGYGAKDVRNLSSKAVNHIHSVWKDLLEDTVTPIDTTIMAKNEVFCVQPEKGGR
KPARLIVFPDLGVRVCEKMALYDVVSTLPQVVMGSSYGFQYSPGQRVEFLVNTWKSKKNPMGFSYDTRCFDSTVTENDIR
VEESIYQCCDLAPEARQAIKSLTERLYIGGPLTNSKGQNCGYRRCRASGVLTTSCGNTLTCYLKASAACRAAKLQDCTML
VNGDDLVVICESAGTQEDAASLRVFTEAMTRYSAPPGDPPQPEYDLELITSCSSNVSVAHDASGKRVYYLTRDPTTPLAR
AAWETARHTPVNSWLGNIIMYAPTLWARMILMTHFFSILLAQEQLEKALDCQIYGACYSIEPLDLPQIIERLHGLSAFSL
HSYSPGEINRVASCLRKLGVPPLRVWRHRARSVRARLLSQGGRAATCGKYLFNWAVKTKLKLTPIPAASRLDLSGWFVAG
YSGGDIYHSLSRARPR
;
_entity_poly.pdbx_strand_id   A,B
#
loop_
_chem_comp.id
_chem_comp.type
_chem_comp.name
_chem_comp.formula
H5U non-polymer N-({3-[(5S)-5-tert-butyl-1-(4-fluorobenzyl)-4-hydroxy-2-oxo-2,5-dihydro-1H-pyrrol-3-yl]-1,1-dioxido-1,2-benzisothiazol-7-yl}methyl)methanesulfonamide 'C24 H26 F N3 O6 S2'
#
# COMPACT_ATOMS: atom_id res chain seq x y z
N HIS A 7 34.46 -24.67 -12.45
CA HIS A 7 33.07 -24.10 -12.34
C HIS A 7 32.86 -22.90 -13.33
N MET A 8 33.01 -23.19 -14.61
CA MET A 8 32.94 -22.16 -15.64
C MET A 8 31.51 -21.81 -16.04
N SER A 9 31.28 -20.52 -16.31
CA SER A 9 29.97 -20.06 -16.75
C SER A 9 29.52 -20.71 -18.04
N TYR A 10 30.44 -20.88 -18.99
CA TYR A 10 30.14 -21.49 -20.29
C TYR A 10 31.30 -22.31 -20.77
N THR A 11 31.02 -23.33 -21.58
CA THR A 11 32.06 -23.95 -22.42
C THR A 11 31.64 -23.81 -23.88
N TRP A 12 32.61 -23.60 -24.77
CA TRP A 12 32.32 -23.41 -26.19
C TRP A 12 32.98 -24.45 -27.11
N THR A 13 32.26 -24.81 -28.18
CA THR A 13 32.75 -25.72 -29.20
C THR A 13 33.49 -24.98 -30.31
N GLY A 14 33.31 -23.67 -30.41
CA GLY A 14 33.94 -22.92 -31.49
C GLY A 14 33.04 -22.71 -32.71
N ALA A 15 31.87 -23.33 -32.74
CA ALA A 15 30.84 -22.99 -33.73
C ALA A 15 30.36 -21.54 -33.46
N LEU A 16 30.09 -20.80 -34.53
CA LEU A 16 29.81 -19.37 -34.42
C LEU A 16 28.38 -19.10 -33.97
N ILE A 17 28.20 -17.99 -33.27
CA ILE A 17 26.87 -17.49 -32.98
C ILE A 17 26.44 -16.73 -34.24
N THR A 18 25.36 -17.19 -34.84
CA THR A 18 25.01 -16.81 -36.19
C THR A 18 23.71 -16.03 -36.19
N PRO A 19 23.52 -15.13 -37.19
CA PRO A 19 22.27 -14.37 -37.23
C PRO A 19 21.09 -15.19 -37.74
N CYS A 20 19.89 -14.63 -37.68
CA CYS A 20 18.75 -15.25 -38.38
C CYS A 20 18.18 -14.35 -39.50
N ALA A 21 18.86 -13.25 -39.79
CA ALA A 21 18.48 -12.32 -40.84
C ALA A 21 19.63 -11.34 -41.03
N ALA A 22 19.60 -10.59 -42.13
CA ALA A 22 20.61 -9.58 -42.38
C ALA A 22 20.64 -8.65 -41.18
N GLU A 23 21.84 -8.18 -40.84
CA GLU A 23 22.02 -7.33 -39.68
C GLU A 23 22.63 -6.03 -40.15
N GLU A 24 22.03 -4.90 -39.78
CA GLU A 24 22.66 -3.61 -40.08
C GLU A 24 23.40 -3.09 -38.84
N SER A 25 24.58 -2.55 -39.06
CA SER A 25 25.32 -1.86 -38.01
C SER A 25 25.39 -0.32 -38.17
N LYS A 26 25.17 0.15 -39.40
CA LYS A 26 25.25 1.57 -39.74
C LYS A 26 23.85 2.15 -39.63
N LEU A 27 23.71 3.31 -38.99
CA LEU A 27 22.43 4.02 -38.89
C LEU A 27 21.78 4.23 -40.25
N PRO A 28 20.62 3.64 -40.51
CA PRO A 28 19.89 3.89 -41.75
C PRO A 28 19.35 5.29 -41.80
N ILE A 29 19.53 5.96 -42.94
CA ILE A 29 19.15 7.36 -43.07
C ILE A 29 17.94 7.48 -43.97
N ASN A 30 16.93 8.21 -43.53
CA ASN A 30 15.82 8.53 -44.44
C ASN A 30 15.58 10.05 -44.49
N ALA A 31 14.44 10.46 -45.05
CA ALA A 31 14.13 11.87 -45.21
C ALA A 31 13.94 12.58 -43.85
N LEU A 32 13.60 11.81 -42.82
CA LEU A 32 13.30 12.32 -41.48
C LEU A 32 14.51 12.33 -40.57
N SER A 33 15.55 11.56 -40.91
CA SER A 33 16.68 11.39 -40.00
C SER A 33 17.29 12.70 -39.56
N ASN A 34 17.61 13.57 -40.52
CA ASN A 34 18.34 14.80 -40.22
C ASN A 34 17.58 15.85 -39.39
N SER A 35 16.26 15.71 -39.31
CA SER A 35 15.48 16.57 -38.45
C SER A 35 15.69 16.23 -36.97
N LEU A 36 16.19 15.02 -36.68
CA LEU A 36 16.54 14.60 -35.31
C LEU A 36 18.05 14.69 -35.04
N LEU A 37 18.87 14.12 -35.92
CA LEU A 37 20.25 13.82 -35.59
C LEU A 37 21.13 13.93 -36.82
N ARG A 38 22.15 14.78 -36.74
CA ARG A 38 23.07 15.00 -37.87
C ARG A 38 24.32 14.13 -37.83
N HIS A 39 24.88 13.87 -36.65
CA HIS A 39 26.14 13.11 -36.54
C HIS A 39 25.89 11.62 -36.62
N HIS A 40 25.63 11.15 -37.84
CA HIS A 40 25.16 9.78 -38.07
C HIS A 40 26.19 8.71 -37.72
N ASN A 41 27.47 9.05 -37.81
CA ASN A 41 28.53 8.05 -37.61
C ASN A 41 28.74 7.76 -36.14
N MET A 42 28.06 8.50 -35.27
CA MET A 42 28.12 8.26 -33.85
C MET A 42 27.21 7.13 -33.38
N VAL A 43 26.22 6.78 -34.20
CA VAL A 43 25.21 5.78 -33.85
C VAL A 43 25.51 4.47 -34.57
N TYR A 44 25.28 3.36 -33.89
CA TYR A 44 25.55 2.04 -34.44
C TYR A 44 24.67 0.98 -33.79
N ALA A 45 24.49 -0.14 -34.49
CA ALA A 45 23.80 -1.29 -33.95
C ALA A 45 24.85 -2.38 -33.77
N THR A 46 24.77 -3.13 -32.66
CA THR A 46 25.62 -4.30 -32.46
C THR A 46 25.09 -5.39 -33.39
N THR A 47 25.98 -6.30 -33.82
CA THR A 47 25.59 -7.44 -34.65
C THR A 47 26.37 -8.66 -34.16
N SER A 48 26.01 -9.84 -34.67
CA SER A 48 26.66 -11.08 -34.26
C SER A 48 28.12 -11.18 -34.63
N ARG A 49 28.61 -10.22 -35.41
CA ARG A 49 30.04 -10.17 -35.72
C ARG A 49 30.87 -9.91 -34.47
N SER A 50 30.29 -9.30 -33.45
CA SER A 50 31.00 -9.02 -32.20
C SER A 50 30.76 -10.07 -31.10
N ALA A 51 29.99 -11.12 -31.41
CA ALA A 51 29.55 -12.14 -30.43
C ALA A 51 30.71 -12.84 -29.74
N GLY A 52 31.76 -13.14 -30.50
CA GLY A 52 33.01 -13.69 -29.95
C GLY A 52 33.64 -12.85 -28.86
N LEU A 53 33.56 -11.53 -28.96
CA LEU A 53 34.03 -10.66 -27.87
C LEU A 53 33.15 -10.81 -26.61
N ARG A 54 31.84 -10.87 -26.80
CA ARG A 54 30.92 -11.08 -25.69
C ARG A 54 31.14 -12.44 -25.02
N GLN A 55 31.33 -13.49 -25.82
CA GLN A 55 31.66 -14.84 -25.32
C GLN A 55 32.85 -14.82 -24.37
N LYS A 56 33.90 -14.11 -24.75
CA LYS A 56 35.06 -13.99 -23.89
C LYS A 56 34.72 -13.32 -22.57
N LYS A 57 33.88 -12.29 -22.62
CA LYS A 57 33.52 -11.50 -21.42
C LYS A 57 32.68 -12.30 -20.45
N VAL A 58 31.72 -13.06 -20.96
CA VAL A 58 30.77 -13.78 -20.11
C VAL A 58 31.26 -15.15 -19.63
N THR A 59 32.47 -15.54 -20.05
CA THR A 59 33.04 -16.85 -19.75
C THR A 59 34.12 -16.73 -18.68
N PHE A 60 33.81 -17.19 -17.47
CA PHE A 60 34.78 -17.19 -16.38
C PHE A 60 34.41 -18.22 -15.33
N ASP A 61 35.35 -18.48 -14.42
CA ASP A 61 35.15 -19.41 -13.30
C ASP A 61 34.45 -18.70 -12.15
N ARG A 62 33.50 -19.37 -11.53
CA ARG A 62 32.82 -18.85 -10.35
C ARG A 62 33.23 -19.66 -9.11
N LEU A 63 33.75 -18.98 -8.09
CA LEU A 63 33.99 -19.57 -6.76
C LEU A 63 33.00 -18.89 -5.82
N GLN A 64 32.35 -19.68 -4.96
CA GLN A 64 31.41 -19.20 -3.94
C GLN A 64 31.73 -19.73 -2.55
N VAL A 65 31.76 -18.82 -1.57
CA VAL A 65 31.93 -19.15 -0.16
C VAL A 65 30.71 -18.59 0.59
N LEU A 66 29.89 -19.49 1.16
CA LEU A 66 28.63 -19.12 1.75
C LEU A 66 28.73 -19.25 3.28
N ASP A 67 28.47 -18.13 3.96
CA ASP A 67 28.66 -18.01 5.40
C ASP A 67 27.31 -17.91 6.12
N ASP A 68 27.34 -17.64 7.43
CA ASP A 68 26.13 -17.62 8.23
C ASP A 68 25.21 -16.46 7.89
N HIS A 69 25.78 -15.29 7.59
CA HIS A 69 24.95 -14.19 7.05
C HIS A 69 24.07 -14.65 5.88
N TYR A 70 24.65 -15.40 4.94
CA TYR A 70 23.92 -15.87 3.76
C TYR A 70 22.78 -16.80 4.13
N ARG A 71 23.06 -17.78 4.99
CA ARG A 71 22.02 -18.75 5.36
C ARG A 71 20.96 -18.10 6.27
N ASP A 72 21.38 -17.15 7.10
CA ASP A 72 20.47 -16.36 7.93
C ASP A 72 19.43 -15.60 7.10
N VAL A 73 19.89 -14.80 6.14
CA VAL A 73 18.99 -14.10 5.18
C VAL A 73 18.11 -15.09 4.39
N LEU A 74 18.73 -16.12 3.81
CA LEU A 74 17.96 -17.17 3.12
C LEU A 74 16.86 -17.78 3.98
N LYS A 75 17.13 -18.22 5.22
CA LYS A 75 16.04 -18.75 6.11
C LYS A 75 14.83 -17.80 6.20
N GLU A 76 15.11 -16.51 6.37
CA GLU A 76 14.05 -15.48 6.48
C GLU A 76 13.30 -15.29 5.19
N MET A 77 14.01 -15.31 4.06
CA MET A 77 13.36 -15.22 2.77
C MET A 77 12.44 -16.40 2.62
N LYS A 78 12.92 -17.62 2.94
CA LYS A 78 12.08 -18.79 2.87
C LYS A 78 10.88 -18.75 3.82
N ALA A 79 11.03 -18.15 5.00
CA ALA A 79 9.87 -18.03 5.91
C ALA A 79 8.77 -17.16 5.30
N LYS A 80 9.17 -16.09 4.62
CA LYS A 80 8.19 -15.25 3.88
C LYS A 80 7.61 -15.98 2.67
N ALA A 81 8.45 -16.69 1.90
CA ALA A 81 8.00 -17.46 0.74
C ALA A 81 7.01 -18.54 1.12
N SER A 82 7.12 -19.06 2.34
CA SER A 82 6.16 -20.08 2.80
C SER A 82 4.73 -19.58 2.99
N THR A 83 4.50 -18.27 3.00
CA THR A 83 3.14 -17.74 3.08
C THR A 83 2.45 -17.58 1.71
N VAL A 84 3.24 -17.73 0.63
CA VAL A 84 2.73 -17.53 -0.74
C VAL A 84 1.96 -18.76 -1.18
N LYS A 85 0.77 -18.54 -1.75
CA LYS A 85 0.05 -19.59 -2.43
C LYS A 85 0.01 -19.29 -3.93
N ALA A 86 0.55 -20.18 -4.75
CA ALA A 86 0.61 -19.87 -6.19
C ALA A 86 -0.18 -20.90 -6.97
N LYS A 87 -0.79 -20.48 -8.07
CA LYS A 87 -1.65 -21.38 -8.81
C LYS A 87 -1.02 -21.71 -10.17
N LEU A 88 -1.50 -22.80 -10.75
CA LEU A 88 -1.13 -23.27 -12.08
C LEU A 88 -1.99 -22.46 -13.04
N LEU A 89 -1.40 -22.03 -14.15
CA LEU A 89 -2.15 -21.40 -15.22
C LEU A 89 -2.67 -22.49 -16.13
N SER A 90 -3.85 -22.29 -16.68
CA SER A 90 -4.35 -23.20 -17.69
C SER A 90 -3.52 -23.01 -18.95
N VAL A 91 -3.69 -23.91 -19.93
CA VAL A 91 -2.98 -23.77 -21.20
C VAL A 91 -3.45 -22.50 -21.92
N GLU A 92 -4.76 -22.28 -21.98
CA GLU A 92 -5.33 -21.04 -22.53
C GLU A 92 -4.74 -19.76 -21.94
N GLU A 93 -4.59 -19.70 -20.62
CA GLU A 93 -4.03 -18.51 -19.98
C GLU A 93 -2.59 -18.30 -20.35
N ALA A 94 -1.82 -19.38 -20.39
CA ALA A 94 -0.43 -19.33 -20.75
C ALA A 94 -0.30 -18.90 -22.23
N CYS A 95 -1.12 -19.48 -23.09
CA CYS A 95 -1.09 -19.12 -24.52
C CYS A 95 -1.35 -17.63 -24.74
N LYS A 96 -2.36 -17.11 -24.07
CA LYS A 96 -2.74 -15.70 -24.24
C LYS A 96 -1.72 -14.69 -23.69
N LEU A 97 -0.76 -15.14 -22.88
CA LEU A 97 0.38 -14.28 -22.47
C LEU A 97 1.52 -14.31 -23.48
N THR A 98 1.41 -15.12 -24.52
CA THR A 98 2.51 -15.24 -25.50
C THR A 98 2.44 -14.07 -26.47
N PRO A 99 3.55 -13.33 -26.63
CA PRO A 99 3.58 -12.28 -27.65
C PRO A 99 3.29 -12.77 -29.08
N PRO A 100 2.46 -12.02 -29.82
CA PRO A 100 2.21 -12.33 -31.22
C PRO A 100 3.47 -12.58 -32.05
N HIS A 101 4.56 -11.87 -31.82
CA HIS A 101 5.75 -12.07 -32.65
C HIS A 101 6.90 -12.83 -31.97
N SER A 102 6.55 -13.60 -30.94
CA SER A 102 7.49 -14.50 -30.27
C SER A 102 8.07 -15.53 -31.26
N ALA A 103 9.34 -15.89 -31.07
CA ALA A 103 10.00 -16.89 -31.92
C ALA A 103 9.16 -18.16 -32.10
N LYS A 104 8.94 -18.55 -33.35
CA LYS A 104 8.16 -19.75 -33.63
C LYS A 104 8.82 -21.01 -33.06
N SER A 105 8.02 -22.06 -32.90
CA SER A 105 8.56 -23.33 -32.44
C SER A 105 9.38 -24.01 -33.56
N LYS A 106 10.36 -24.81 -33.15
CA LYS A 106 11.06 -25.71 -34.05
C LYS A 106 10.13 -26.86 -34.47
N PHE A 107 8.95 -26.98 -33.86
CA PHE A 107 8.05 -28.10 -34.13
C PHE A 107 6.79 -27.75 -34.91
N GLY A 108 6.87 -26.72 -35.74
CA GLY A 108 5.88 -26.49 -36.79
C GLY A 108 4.63 -25.70 -36.43
N TYR A 109 4.75 -24.82 -35.43
CA TYR A 109 3.73 -23.83 -35.13
C TYR A 109 4.40 -22.57 -34.66
N GLY A 110 3.64 -21.48 -34.66
CA GLY A 110 4.16 -20.21 -34.21
C GLY A 110 3.36 -19.60 -33.08
N ALA A 111 3.72 -18.37 -32.74
CA ALA A 111 3.11 -17.63 -31.63
C ALA A 111 1.63 -17.32 -31.86
N LYS A 112 1.22 -17.15 -33.11
CA LYS A 112 -0.21 -16.92 -33.40
C LYS A 112 -1.03 -18.20 -33.35
N ASP A 113 -0.41 -19.33 -33.69
CA ASP A 113 -1.01 -20.64 -33.48
C ASP A 113 -1.25 -20.89 -31.98
N VAL A 114 -0.26 -20.52 -31.18
CA VAL A 114 -0.37 -20.60 -29.73
C VAL A 114 -1.48 -19.68 -29.23
N ARG A 115 -1.43 -18.42 -29.66
CA ARG A 115 -2.42 -17.42 -29.23
C ARG A 115 -3.85 -17.84 -29.57
N ASN A 116 -4.04 -18.46 -30.73
CA ASN A 116 -5.34 -18.99 -31.17
C ASN A 116 -5.71 -20.36 -30.60
N LEU A 117 -4.87 -20.91 -29.74
CA LEU A 117 -5.08 -22.25 -29.18
C LEU A 117 -5.28 -23.33 -30.27
N SER A 118 -4.46 -23.29 -31.31
CA SER A 118 -4.57 -24.27 -32.41
C SER A 118 -4.20 -25.67 -31.93
N SER A 119 -4.98 -26.66 -32.35
CA SER A 119 -4.78 -28.05 -31.90
C SER A 119 -3.33 -28.51 -31.96
N LYS A 120 -2.63 -28.15 -33.03
CA LYS A 120 -1.25 -28.59 -33.17
C LYS A 120 -0.38 -27.98 -32.09
N ALA A 121 -0.61 -26.70 -31.81
CA ALA A 121 0.12 -25.98 -30.77
C ALA A 121 -0.18 -26.57 -29.41
N VAL A 122 -1.46 -26.70 -29.12
CA VAL A 122 -1.93 -27.16 -27.82
C VAL A 122 -1.55 -28.61 -27.56
N ASN A 123 -1.54 -29.44 -28.61
CA ASN A 123 -1.07 -30.83 -28.51
C ASN A 123 0.40 -30.91 -28.21
N HIS A 124 1.20 -30.08 -28.89
CA HIS A 124 2.62 -30.03 -28.56
C HIS A 124 2.89 -29.57 -27.13
N ILE A 125 2.24 -28.48 -26.72
CA ILE A 125 2.41 -27.94 -25.39
C ILE A 125 2.10 -29.01 -24.35
N HIS A 126 0.98 -29.73 -24.51
CA HIS A 126 0.61 -30.85 -23.65
C HIS A 126 1.72 -31.93 -23.61
N SER A 127 2.37 -32.19 -24.74
CA SER A 127 3.41 -33.22 -24.77
C SER A 127 4.67 -32.75 -24.05
N VAL A 128 5.00 -31.46 -24.15
CA VAL A 128 6.17 -30.90 -23.45
C VAL A 128 5.89 -30.95 -21.94
N TRP A 129 4.65 -30.62 -21.55
CA TRP A 129 4.25 -30.63 -20.13
C TRP A 129 4.38 -32.04 -19.54
N LYS A 130 3.80 -33.02 -20.21
CA LYS A 130 3.89 -34.41 -19.79
C LYS A 130 5.35 -34.86 -19.60
N ASP A 131 6.18 -34.55 -20.59
CA ASP A 131 7.61 -34.86 -20.54
C ASP A 131 8.35 -34.16 -19.39
N LEU A 132 7.96 -32.92 -19.10
CA LEU A 132 8.50 -32.23 -17.92
C LEU A 132 8.19 -33.00 -16.62
N LEU A 133 7.01 -33.61 -16.54
CA LEU A 133 6.57 -34.29 -15.34
C LEU A 133 7.21 -35.69 -15.26
N GLU A 134 7.45 -36.27 -16.44
CA GLU A 134 8.00 -37.63 -16.52
C GLU A 134 9.53 -37.71 -16.41
N ASP A 135 10.22 -36.63 -16.80
CA ASP A 135 11.68 -36.62 -16.92
C ASP A 135 12.20 -35.36 -16.25
N THR A 136 13.11 -35.53 -15.29
CA THR A 136 13.63 -34.40 -14.52
C THR A 136 15.13 -34.27 -14.64
N VAL A 137 15.70 -34.94 -15.65
CA VAL A 137 17.15 -34.99 -15.86
C VAL A 137 17.65 -34.45 -17.21
N THR A 138 16.95 -34.69 -18.31
CA THR A 138 17.52 -34.44 -19.64
C THR A 138 17.62 -32.96 -19.93
N PRO A 139 18.85 -32.41 -20.09
CA PRO A 139 18.87 -30.96 -20.31
C PRO A 139 18.11 -30.56 -21.56
N ILE A 140 17.46 -29.40 -21.47
CA ILE A 140 16.60 -28.87 -22.52
C ILE A 140 17.43 -27.99 -23.45
N ASP A 141 17.14 -28.12 -24.74
CA ASP A 141 17.87 -27.35 -25.72
C ASP A 141 17.47 -25.87 -25.64
N THR A 142 18.46 -25.00 -25.90
CA THR A 142 18.22 -23.58 -26.11
C THR A 142 18.96 -23.06 -27.36
N THR A 143 18.46 -21.93 -27.84
CA THR A 143 19.05 -21.17 -28.92
C THR A 143 19.81 -20.01 -28.31
N ILE A 144 21.04 -19.80 -28.77
CA ILE A 144 21.84 -18.62 -28.41
C ILE A 144 21.89 -17.64 -29.63
N MET A 145 21.46 -16.38 -29.41
CA MET A 145 21.42 -15.34 -30.46
C MET A 145 22.13 -14.10 -29.98
N ALA A 146 22.73 -13.36 -30.92
CA ALA A 146 23.30 -12.06 -30.62
C ALA A 146 22.16 -11.07 -30.69
N LYS A 147 21.96 -10.28 -29.63
CA LYS A 147 20.99 -9.19 -29.66
C LYS A 147 21.54 -8.03 -30.48
N ASN A 148 20.69 -7.44 -31.31
CA ASN A 148 21.03 -6.23 -32.02
C ASN A 148 20.48 -5.04 -31.24
N GLU A 149 21.35 -4.26 -30.61
CA GLU A 149 20.90 -3.03 -29.96
C GLU A 149 21.69 -1.83 -30.43
N VAL A 150 21.03 -0.68 -30.40
CA VAL A 150 21.58 0.58 -30.90
C VAL A 150 22.22 1.38 -29.77
N PHE A 151 23.41 1.93 -30.02
CA PHE A 151 24.13 2.71 -29.03
C PHE A 151 24.79 3.93 -29.70
N CYS A 152 25.28 4.86 -28.88
CA CYS A 152 26.17 5.93 -29.34
C CYS A 152 27.62 5.52 -29.03
N VAL A 153 28.56 5.81 -29.93
CA VAL A 153 29.97 5.47 -29.66
C VAL A 153 30.50 6.19 -28.41
N GLN A 154 31.56 5.63 -27.81
CA GLN A 154 32.19 6.23 -26.62
C GLN A 154 33.70 6.18 -26.70
N GLY A 159 35.61 1.50 -27.94
CA GLY A 159 34.79 2.48 -28.66
C GLY A 159 33.37 1.97 -28.89
N ARG A 160 33.25 0.70 -29.27
CA ARG A 160 31.97 0.09 -29.56
C ARG A 160 31.81 -1.17 -28.74
N LYS A 161 30.64 -1.35 -28.14
CA LYS A 161 30.41 -2.51 -27.29
C LYS A 161 29.97 -3.74 -28.11
N PRO A 162 30.34 -4.95 -27.63
CA PRO A 162 29.91 -6.13 -28.36
C PRO A 162 28.46 -6.42 -28.08
N ALA A 163 27.86 -7.19 -28.98
CA ALA A 163 26.48 -7.63 -28.86
C ALA A 163 26.27 -8.39 -27.57
N ARG A 164 25.09 -8.21 -27.00
CA ARG A 164 24.66 -9.01 -25.86
C ARG A 164 24.08 -10.29 -26.41
N LEU A 165 24.09 -11.31 -25.58
CA LEU A 165 23.63 -12.62 -25.96
C LEU A 165 22.31 -12.91 -25.26
N ILE A 166 21.37 -13.50 -25.99
CA ILE A 166 20.13 -14.02 -25.43
C ILE A 166 20.13 -15.55 -25.56
N VAL A 167 19.66 -16.24 -24.53
CA VAL A 167 19.55 -17.72 -24.53
C VAL A 167 18.12 -18.10 -24.14
N PHE A 168 17.44 -18.87 -24.99
CA PHE A 168 16.03 -19.21 -24.76
C PHE A 168 15.62 -20.59 -25.31
N PRO A 169 14.66 -21.24 -24.63
CA PRO A 169 14.16 -22.53 -25.07
C PRO A 169 13.04 -22.36 -26.06
N ASP A 170 12.56 -23.49 -26.60
CA ASP A 170 11.53 -23.46 -27.62
C ASP A 170 10.19 -22.94 -27.11
N LEU A 171 9.36 -22.49 -28.06
CA LEU A 171 8.05 -21.91 -27.77
C LEU A 171 7.19 -22.78 -26.86
N GLY A 172 7.18 -24.09 -27.14
CA GLY A 172 6.44 -25.05 -26.32
C GLY A 172 6.86 -25.02 -24.86
N VAL A 173 8.16 -24.97 -24.61
CA VAL A 173 8.69 -24.90 -23.24
C VAL A 173 8.35 -23.57 -22.58
N ARG A 174 8.43 -22.49 -23.35
CA ARG A 174 8.09 -21.18 -22.83
C ARG A 174 6.63 -21.14 -22.34
N VAL A 175 5.71 -21.77 -23.04
CA VAL A 175 4.33 -21.79 -22.57
C VAL A 175 4.18 -22.63 -21.26
N CYS A 176 4.94 -23.73 -21.15
CA CYS A 176 4.96 -24.58 -19.96
C CYS A 176 5.53 -23.87 -18.75
N GLU A 177 6.61 -23.12 -18.94
CA GLU A 177 7.13 -22.23 -17.92
C GLU A 177 6.04 -21.35 -17.30
N LYS A 178 5.20 -20.78 -18.16
CA LYS A 178 4.11 -19.90 -17.71
C LYS A 178 3.14 -20.66 -16.86
N MET A 179 2.72 -21.82 -17.35
CA MET A 179 1.77 -22.63 -16.61
C MET A 179 2.28 -22.87 -15.17
N ALA A 180 3.53 -23.31 -15.07
CA ALA A 180 4.17 -23.70 -13.83
C ALA A 180 4.48 -22.52 -12.89
N LEU A 181 4.94 -21.41 -13.47
CA LEU A 181 5.67 -20.37 -12.73
C LEU A 181 5.20 -18.92 -12.85
N TYR A 182 4.24 -18.62 -13.70
CA TYR A 182 3.83 -17.22 -13.91
C TYR A 182 3.30 -16.58 -12.62
N ASP A 183 2.39 -17.26 -11.94
CA ASP A 183 1.85 -16.78 -10.68
C ASP A 183 2.94 -16.61 -9.64
N VAL A 184 3.88 -17.56 -9.60
CA VAL A 184 4.97 -17.49 -8.64
C VAL A 184 5.87 -16.28 -8.87
N VAL A 185 6.35 -16.14 -10.10
CA VAL A 185 7.30 -15.08 -10.41
C VAL A 185 6.62 -13.68 -10.31
N SER A 186 5.30 -13.67 -10.33
CA SER A 186 4.49 -12.45 -10.25
C SER A 186 4.15 -12.04 -8.84
N THR A 187 4.07 -13.03 -7.95
CA THR A 187 3.55 -12.88 -6.61
C THR A 187 4.60 -13.03 -5.52
N LEU A 188 5.56 -13.93 -5.71
CA LEU A 188 6.53 -14.28 -4.68
C LEU A 188 7.48 -13.15 -4.29
N PRO A 189 8.06 -12.45 -5.29
CA PRO A 189 9.10 -11.49 -4.97
C PRO A 189 8.69 -10.33 -4.04
N GLN A 190 7.48 -9.80 -4.19
CA GLN A 190 7.01 -8.71 -3.32
C GLN A 190 6.70 -9.21 -1.91
N VAL A 191 6.23 -10.45 -1.80
CA VAL A 191 6.00 -11.08 -0.50
C VAL A 191 7.33 -11.25 0.21
N VAL A 192 8.32 -11.79 -0.50
CA VAL A 192 9.61 -12.03 0.11
C VAL A 192 10.32 -10.74 0.49
N MET A 193 10.27 -9.73 -0.40
CA MET A 193 11.09 -8.51 -0.29
C MET A 193 10.27 -7.25 0.09
N GLY A 194 8.96 -7.31 -0.01
CA GLY A 194 8.16 -6.16 0.37
C GLY A 194 8.56 -4.94 -0.43
N SER A 195 8.79 -3.84 0.27
CA SER A 195 8.96 -2.55 -0.39
C SER A 195 10.25 -2.46 -1.21
N SER A 196 11.16 -3.41 -0.97
CA SER A 196 12.46 -3.51 -1.69
C SER A 196 12.34 -4.08 -3.12
N TYR A 197 11.22 -4.72 -3.43
CA TYR A 197 11.00 -5.20 -4.79
C TYR A 197 10.63 -4.04 -5.72
N GLY A 198 11.53 -3.64 -6.61
CA GLY A 198 11.34 -2.43 -7.40
C GLY A 198 10.29 -2.50 -8.48
N PHE A 199 10.05 -3.69 -9.03
CA PHE A 199 9.22 -3.83 -10.21
C PHE A 199 7.73 -3.64 -9.90
N GLN A 200 7.39 -3.48 -8.61
CA GLN A 200 6.02 -3.17 -8.20
C GLN A 200 5.65 -1.68 -8.37
N TYR A 201 6.62 -0.82 -8.63
CA TYR A 201 6.44 0.63 -8.61
C TYR A 201 6.32 1.24 -10.00
N SER A 202 5.34 2.12 -10.17
CA SER A 202 5.32 3.07 -11.28
C SER A 202 6.51 3.98 -11.10
N PRO A 203 6.89 4.72 -12.14
CA PRO A 203 7.97 5.68 -11.90
C PRO A 203 7.63 6.73 -10.81
N GLY A 204 6.36 7.17 -10.75
CA GLY A 204 5.93 8.10 -9.70
C GLY A 204 6.10 7.45 -8.33
N GLN A 205 5.61 6.22 -8.21
CA GLN A 205 5.81 5.43 -6.98
C GLN A 205 7.29 5.21 -6.66
N ARG A 206 8.11 4.90 -7.66
CA ARG A 206 9.54 4.64 -7.42
C ARG A 206 10.28 5.88 -6.97
N VAL A 207 9.96 7.04 -7.54
CA VAL A 207 10.66 8.26 -7.13
C VAL A 207 10.26 8.65 -5.70
N GLU A 208 9.01 8.42 -5.38
CA GLU A 208 8.47 8.69 -4.08
C GLU A 208 9.18 7.83 -3.03
N PHE A 209 9.29 6.53 -3.32
CA PHE A 209 9.96 5.58 -2.45
C PHE A 209 11.41 5.97 -2.21
N LEU A 210 12.09 6.39 -3.26
CA LEU A 210 13.50 6.80 -3.15
C LEU A 210 13.64 8.05 -2.33
N VAL A 211 12.75 9.03 -2.53
CA VAL A 211 12.84 10.29 -1.79
C VAL A 211 12.46 10.07 -0.34
N ASN A 212 11.35 9.36 -0.11
CA ASN A 212 10.90 9.03 1.24
C ASN A 212 11.96 8.28 2.02
N THR A 213 12.57 7.28 1.39
CA THR A 213 13.65 6.48 2.00
C THR A 213 14.84 7.35 2.38
N TRP A 214 15.21 8.26 1.48
CA TRP A 214 16.32 9.19 1.71
C TRP A 214 16.03 10.11 2.91
N LYS A 215 14.83 10.71 2.88
CA LYS A 215 14.37 11.58 3.97
C LYS A 215 14.19 10.83 5.30
N SER A 216 14.11 9.51 5.28
CA SER A 216 13.89 8.73 6.51
C SER A 216 15.16 8.46 7.31
N LYS A 217 16.32 8.79 6.75
CA LYS A 217 17.60 8.60 7.44
C LYS A 217 18.05 9.95 8.00
N LYS A 218 18.66 9.96 9.18
CA LYS A 218 19.23 11.18 9.78
C LYS A 218 20.34 11.77 8.91
N ASN A 219 21.34 10.96 8.58
CA ASN A 219 22.37 11.35 7.64
C ASN A 219 22.49 10.30 6.52
N PRO A 220 21.73 10.50 5.44
CA PRO A 220 21.67 9.50 4.40
C PRO A 220 22.99 9.34 3.66
N MET A 221 23.32 8.08 3.38
CA MET A 221 24.34 7.78 2.41
C MET A 221 23.63 6.79 1.53
N GLY A 222 23.99 6.79 0.25
CA GLY A 222 23.37 5.87 -0.69
C GLY A 222 24.39 5.45 -1.70
N PHE A 223 24.16 4.28 -2.29
CA PHE A 223 25.06 3.75 -3.32
C PHE A 223 24.37 2.72 -4.19
N SER A 224 24.81 2.62 -5.44
CA SER A 224 24.33 1.62 -6.34
C SER A 224 25.44 0.60 -6.44
N TYR A 225 25.09 -0.65 -6.74
CA TYR A 225 26.11 -1.72 -6.90
C TYR A 225 25.96 -2.37 -8.27
N ASP A 226 27.00 -2.30 -9.08
CA ASP A 226 26.97 -2.90 -10.41
C ASP A 226 27.75 -4.21 -10.40
N THR A 227 27.05 -5.33 -10.58
CA THR A 227 27.69 -6.64 -10.69
C THR A 227 28.10 -6.84 -12.15
N ARG A 228 29.36 -7.20 -12.34
CA ARG A 228 29.92 -7.40 -13.65
C ARG A 228 29.33 -8.70 -14.20
N CYS A 229 28.59 -8.58 -15.30
CA CYS A 229 28.00 -9.72 -15.96
C CYS A 229 27.24 -10.57 -14.97
N PHE A 230 26.16 -10.04 -14.42
CA PHE A 230 25.48 -10.70 -13.34
C PHE A 230 25.00 -12.11 -13.70
N ASP A 231 24.43 -12.28 -14.89
CA ASP A 231 23.87 -13.57 -15.34
C ASP A 231 24.92 -14.67 -15.33
N SER A 232 26.18 -14.33 -15.63
CA SER A 232 27.28 -15.29 -15.63
C SER A 232 27.79 -15.55 -14.22
N THR A 233 27.57 -14.61 -13.31
CA THR A 233 27.97 -14.82 -11.92
C THR A 233 27.07 -15.79 -11.16
N VAL A 234 25.89 -16.08 -11.71
CA VAL A 234 24.86 -16.92 -11.10
C VAL A 234 25.28 -18.40 -11.23
N THR A 235 25.35 -19.08 -10.08
CA THR A 235 25.90 -20.45 -10.00
C THR A 235 24.79 -21.49 -9.97
N GLU A 236 25.15 -22.77 -10.13
CA GLU A 236 24.16 -23.84 -9.98
C GLU A 236 23.54 -23.77 -8.56
N ASN A 237 24.36 -23.52 -7.54
CA ASN A 237 23.86 -23.29 -6.17
C ASN A 237 22.79 -22.21 -6.14
N ASP A 238 23.13 -21.03 -6.66
CA ASP A 238 22.16 -19.91 -6.73
C ASP A 238 20.84 -20.37 -7.34
N ILE A 239 20.88 -21.17 -8.41
CA ILE A 239 19.66 -21.56 -9.16
C ILE A 239 18.82 -22.62 -8.40
N ARG A 240 19.51 -23.53 -7.71
CA ARG A 240 18.86 -24.48 -6.81
C ARG A 240 18.30 -23.78 -5.57
N VAL A 241 19.01 -22.79 -5.07
CA VAL A 241 18.50 -21.98 -3.97
C VAL A 241 17.17 -21.29 -4.37
N GLU A 242 17.14 -20.69 -5.55
CA GLU A 242 15.92 -20.10 -6.09
C GLU A 242 14.81 -21.14 -6.14
N GLU A 243 15.11 -22.32 -6.66
CA GLU A 243 14.11 -23.39 -6.69
C GLU A 243 13.57 -23.72 -5.27
N SER A 244 14.45 -23.74 -4.27
CA SER A 244 14.03 -24.03 -2.90
C SER A 244 13.12 -22.93 -2.36
N ILE A 245 13.32 -21.69 -2.79
CA ILE A 245 12.41 -20.59 -2.41
C ILE A 245 11.04 -20.82 -3.08
N TYR A 246 11.02 -21.08 -4.40
CA TYR A 246 9.76 -21.39 -5.09
C TYR A 246 9.01 -22.49 -4.38
N GLN A 247 9.72 -23.54 -3.99
CA GLN A 247 9.07 -24.71 -3.40
C GLN A 247 8.54 -24.43 -1.98
N CYS A 248 9.01 -23.39 -1.31
CA CYS A 248 8.32 -22.93 -0.08
C CYS A 248 6.85 -22.54 -0.28
N CYS A 249 6.47 -22.09 -1.48
CA CYS A 249 5.07 -21.77 -1.76
C CYS A 249 4.17 -22.97 -1.63
N ASP A 250 2.91 -22.69 -1.33
CA ASP A 250 1.82 -23.64 -1.39
C ASP A 250 1.47 -23.80 -2.87
N LEU A 251 1.90 -24.93 -3.46
CA LEU A 251 1.72 -25.25 -4.87
C LEU A 251 1.04 -26.61 -5.03
N ALA A 252 0.36 -26.82 -6.14
CA ALA A 252 -0.16 -28.14 -6.49
C ALA A 252 1.03 -29.08 -6.73
N PRO A 253 0.89 -30.35 -6.35
CA PRO A 253 1.93 -31.37 -6.62
C PRO A 253 2.49 -31.35 -8.06
N GLU A 254 1.61 -31.27 -9.05
CA GLU A 254 2.00 -31.13 -10.47
C GLU A 254 2.90 -29.92 -10.76
N ALA A 255 2.60 -28.77 -10.13
CA ALA A 255 3.43 -27.59 -10.27
C ALA A 255 4.80 -27.79 -9.62
N ARG A 256 4.85 -28.46 -8.48
CA ARG A 256 6.12 -28.76 -7.80
C ARG A 256 7.05 -29.53 -8.73
N GLN A 257 6.50 -30.52 -9.44
CA GLN A 257 7.26 -31.41 -10.32
C GLN A 257 7.77 -30.66 -11.53
N ALA A 258 6.88 -29.90 -12.18
CA ALA A 258 7.22 -29.07 -13.34
C ALA A 258 8.38 -28.11 -13.04
N ILE A 259 8.35 -27.54 -11.85
CA ILE A 259 9.36 -26.57 -11.40
C ILE A 259 10.68 -27.21 -11.06
N LYS A 260 10.63 -28.36 -10.40
CA LYS A 260 11.87 -29.11 -10.18
C LYS A 260 12.48 -29.51 -11.53
N SER A 261 11.65 -29.99 -12.43
CA SER A 261 12.11 -30.42 -13.75
C SER A 261 12.73 -29.25 -14.58
N LEU A 262 12.04 -28.11 -14.61
CA LEU A 262 12.56 -26.95 -15.32
C LEU A 262 13.85 -26.49 -14.70
N THR A 263 13.94 -26.55 -13.38
CA THR A 263 15.18 -26.20 -12.70
C THR A 263 16.35 -27.13 -13.11
N GLU A 264 16.13 -28.45 -13.06
CA GLU A 264 17.21 -29.41 -13.34
C GLU A 264 17.61 -29.37 -14.82
N ARG A 265 16.60 -29.31 -15.68
CA ARG A 265 16.77 -29.46 -17.12
C ARG A 265 17.04 -28.14 -17.88
N LEU A 266 16.49 -27.03 -17.40
CA LEU A 266 16.61 -25.72 -18.07
C LEU A 266 17.35 -24.65 -17.27
N TYR A 267 16.90 -24.33 -16.06
CA TYR A 267 17.45 -23.15 -15.38
C TYR A 267 18.86 -23.32 -14.95
N ILE A 268 19.22 -24.53 -14.52
CA ILE A 268 20.57 -24.75 -14.06
C ILE A 268 21.58 -24.67 -15.17
N GLY A 269 21.17 -25.03 -16.38
CA GLY A 269 22.10 -25.05 -17.50
C GLY A 269 21.63 -25.96 -18.62
N GLY A 270 22.42 -26.04 -19.68
CA GLY A 270 22.01 -26.82 -20.85
C GLY A 270 22.76 -26.44 -22.10
N PRO A 271 22.56 -27.20 -23.19
CA PRO A 271 23.32 -26.95 -24.40
C PRO A 271 22.81 -25.73 -25.16
N LEU A 272 23.72 -25.11 -25.88
CA LEU A 272 23.47 -23.86 -26.65
C LEU A 272 23.55 -24.20 -28.14
N THR A 273 22.48 -23.90 -28.87
CA THR A 273 22.38 -24.16 -30.31
C THR A 273 22.20 -22.84 -31.09
N ASN A 274 22.98 -22.61 -32.14
CA ASN A 274 22.86 -21.38 -32.92
C ASN A 274 21.68 -21.42 -33.86
N SER A 275 21.42 -20.30 -34.56
CA SER A 275 20.33 -20.24 -35.52
C SER A 275 20.41 -21.30 -36.62
N LYS A 276 21.60 -21.72 -37.00
CA LYS A 276 21.74 -22.71 -38.09
C LYS A 276 21.67 -24.14 -37.57
N GLY A 277 21.50 -24.31 -36.25
CA GLY A 277 21.21 -25.63 -35.66
C GLY A 277 22.43 -26.33 -35.12
N GLN A 278 23.57 -25.68 -35.15
CA GLN A 278 24.84 -26.23 -34.64
C GLN A 278 25.03 -25.98 -33.15
N ASN A 279 25.78 -26.88 -32.53
CA ASN A 279 26.09 -26.81 -31.13
C ASN A 279 27.26 -25.87 -30.86
N CYS A 280 26.98 -24.81 -30.08
CA CYS A 280 27.97 -23.79 -29.76
C CYS A 280 28.61 -23.99 -28.42
N GLY A 281 27.96 -24.77 -27.56
CA GLY A 281 28.51 -25.07 -26.27
C GLY A 281 27.47 -25.36 -25.23
N TYR A 282 27.80 -24.96 -24.01
CA TYR A 282 27.07 -25.37 -22.83
C TYR A 282 27.08 -24.25 -21.78
N ARG A 283 25.91 -23.98 -21.22
CA ARG A 283 25.75 -22.98 -20.18
C ARG A 283 25.58 -23.65 -18.79
N ARG A 284 26.22 -23.09 -17.78
CA ARG A 284 26.04 -23.47 -16.37
C ARG A 284 25.76 -22.23 -15.50
N CYS A 285 25.05 -21.28 -16.10
CA CYS A 285 24.69 -20.06 -15.44
C CYS A 285 23.29 -19.66 -15.87
N ARG A 286 22.81 -18.50 -15.41
CA ARG A 286 21.46 -18.04 -15.72
C ARG A 286 21.27 -17.84 -17.23
N ALA A 287 20.16 -18.34 -17.77
CA ALA A 287 19.75 -18.06 -19.14
C ALA A 287 19.07 -16.71 -19.13
N SER A 288 19.32 -15.89 -20.15
CA SER A 288 18.73 -14.56 -20.23
C SER A 288 17.28 -14.58 -20.69
N GLY A 289 16.88 -15.68 -21.31
CA GLY A 289 15.61 -15.78 -21.97
C GLY A 289 14.68 -16.81 -21.41
N VAL A 290 14.58 -16.83 -20.08
CA VAL A 290 13.58 -17.65 -19.42
C VAL A 290 12.69 -16.82 -18.49
N LEU A 291 11.52 -17.37 -18.20
CA LEU A 291 10.53 -16.72 -17.33
C LEU A 291 11.10 -16.27 -15.97
N THR A 292 11.97 -17.09 -15.38
CA THR A 292 12.47 -16.83 -14.05
C THR A 292 13.70 -15.95 -14.03
N THR A 293 14.12 -15.44 -15.19
CA THR A 293 15.32 -14.60 -15.24
C THR A 293 15.21 -13.39 -14.31
N SER A 294 14.09 -12.67 -14.37
CA SER A 294 13.90 -11.47 -13.53
C SER A 294 13.71 -11.79 -12.04
N CYS A 295 12.79 -12.69 -11.72
CA CYS A 295 12.56 -13.14 -10.32
C CYS A 295 13.82 -13.78 -9.70
N GLY A 296 14.43 -14.71 -10.42
CA GLY A 296 15.65 -15.31 -9.98
C GLY A 296 16.75 -14.30 -9.75
N ASN A 297 16.99 -13.40 -10.69
CA ASN A 297 18.00 -12.35 -10.49
C ASN A 297 17.65 -11.45 -9.31
N THR A 298 16.36 -11.17 -9.11
CA THR A 298 15.97 -10.23 -8.06
C THR A 298 16.22 -10.86 -6.70
N LEU A 299 15.70 -12.07 -6.52
CA LEU A 299 15.88 -12.84 -5.26
C LEU A 299 17.35 -13.06 -4.97
N THR A 300 18.08 -13.52 -5.99
CA THR A 300 19.46 -13.86 -5.78
C THR A 300 20.30 -12.63 -5.48
N CYS A 301 20.03 -11.53 -6.16
CA CYS A 301 20.73 -10.26 -5.88
C CYS A 301 20.39 -9.73 -4.47
N TYR A 302 19.11 -9.79 -4.10
CA TYR A 302 18.64 -9.37 -2.75
C TYR A 302 19.20 -10.24 -1.62
N LEU A 303 19.12 -11.56 -1.79
CA LEU A 303 19.79 -12.53 -0.88
C LEU A 303 21.24 -12.14 -0.66
N LYS A 304 22.01 -12.07 -1.74
CA LYS A 304 23.44 -11.77 -1.63
C LYS A 304 23.70 -10.40 -0.99
N ALA A 305 23.05 -9.35 -1.49
CA ALA A 305 23.25 -7.99 -0.95
C ALA A 305 22.78 -7.83 0.51
N SER A 306 21.67 -8.43 0.90
CA SER A 306 21.24 -8.30 2.31
C SER A 306 22.32 -8.89 3.21
N ALA A 307 22.78 -10.09 2.86
CA ALA A 307 23.87 -10.77 3.56
C ALA A 307 25.16 -9.94 3.61
N ALA A 308 25.54 -9.34 2.48
CA ALA A 308 26.71 -8.41 2.43
C ALA A 308 26.52 -7.12 3.25
N CYS A 309 25.26 -6.66 3.38
CA CYS A 309 24.94 -5.50 4.21
C CYS A 309 25.20 -5.81 5.69
N ARG A 310 24.87 -7.03 6.10
CA ARG A 310 25.12 -7.49 7.46
C ARG A 310 26.63 -7.63 7.68
N ALA A 311 27.32 -8.27 6.74
CA ALA A 311 28.78 -8.34 6.79
C ALA A 311 29.41 -6.98 7.02
N ALA A 312 29.01 -5.99 6.24
CA ALA A 312 29.57 -4.65 6.31
C ALA A 312 29.07 -3.82 7.51
N LYS A 313 28.04 -4.31 8.21
CA LYS A 313 27.48 -3.61 9.35
C LYS A 313 26.90 -2.24 8.94
N LEU A 314 26.19 -2.24 7.82
CA LEU A 314 25.59 -1.02 7.31
C LEU A 314 24.40 -0.72 8.19
N GLN A 315 24.30 0.51 8.65
CA GLN A 315 23.29 0.91 9.62
C GLN A 315 21.98 1.27 8.91
N ASP A 316 20.88 0.66 9.34
CA ASP A 316 19.52 1.03 8.92
C ASP A 316 19.34 1.06 7.39
N CYS A 317 19.78 -0.03 6.74
N CYS A 317 19.85 0.05 6.69
CA CYS A 317 19.76 -0.17 5.29
CA CYS A 317 19.86 0.09 5.22
C CYS A 317 18.37 -0.32 4.70
C CYS A 317 18.53 -0.35 4.62
N THR A 318 18.14 0.35 3.58
CA THR A 318 16.96 0.06 2.79
C THR A 318 17.52 -0.26 1.43
N MET A 319 17.12 -1.40 0.88
CA MET A 319 17.52 -1.81 -0.47
C MET A 319 16.39 -1.60 -1.45
N LEU A 320 16.76 -1.41 -2.71
CA LEU A 320 15.81 -1.40 -3.82
C LEU A 320 16.43 -2.21 -4.96
N VAL A 321 15.74 -3.26 -5.38
CA VAL A 321 16.31 -4.27 -6.28
C VAL A 321 15.39 -4.50 -7.44
N ASN A 322 15.92 -4.35 -8.66
CA ASN A 322 15.19 -4.73 -9.86
C ASN A 322 16.09 -5.74 -10.58
N GLY A 323 15.83 -7.04 -10.44
CA GLY A 323 16.71 -8.03 -11.06
C GLY A 323 18.12 -7.82 -10.53
N ASP A 324 19.04 -7.53 -11.41
CA ASP A 324 20.43 -7.34 -11.04
C ASP A 324 20.79 -5.89 -10.71
N ASP A 325 19.82 -4.98 -10.85
CA ASP A 325 20.04 -3.57 -10.52
C ASP A 325 19.73 -3.33 -9.03
N LEU A 326 20.72 -2.84 -8.31
CA LEU A 326 20.67 -2.75 -6.87
C LEU A 326 21.03 -1.36 -6.42
N VAL A 327 20.16 -0.74 -5.62
CA VAL A 327 20.59 0.47 -4.91
C VAL A 327 20.32 0.32 -3.43
N VAL A 328 21.23 0.85 -2.62
CA VAL A 328 21.11 0.81 -1.15
C VAL A 328 21.21 2.21 -0.58
N ILE A 329 20.30 2.56 0.32
CA ILE A 329 20.38 3.81 1.06
C ILE A 329 20.40 3.51 2.56
N CYS A 330 21.32 4.09 3.28
CA CYS A 330 21.42 3.80 4.70
C CYS A 330 21.81 5.00 5.55
N GLU A 331 21.97 4.76 6.84
CA GLU A 331 22.39 5.75 7.80
C GLU A 331 23.91 5.89 7.72
N SER A 332 24.40 7.08 7.40
CA SER A 332 25.83 7.35 7.37
C SER A 332 26.44 7.24 8.77
N ALA A 333 27.66 6.74 8.83
CA ALA A 333 28.44 6.61 10.06
C ALA A 333 29.64 7.47 9.91
N GLY A 334 29.55 8.47 9.06
CA GLY A 334 30.68 9.31 8.70
C GLY A 334 31.25 8.86 7.37
N THR A 335 31.95 9.75 6.68
CA THR A 335 32.34 9.48 5.31
C THR A 335 33.44 8.40 5.21
N GLN A 336 34.38 8.38 6.16
CA GLN A 336 35.45 7.37 6.18
C GLN A 336 34.95 5.95 6.54
N GLU A 337 34.05 5.90 7.51
CA GLU A 337 33.43 4.66 7.96
C GLU A 337 32.61 4.08 6.82
N ASP A 338 31.77 4.95 6.20
CA ASP A 338 30.95 4.61 5.03
C ASP A 338 31.75 3.96 3.91
N ALA A 339 32.89 4.55 3.59
CA ALA A 339 33.72 4.09 2.48
C ALA A 339 34.33 2.73 2.77
N ALA A 340 34.70 2.54 4.04
CA ALA A 340 35.25 1.28 4.53
C ALA A 340 34.20 0.18 4.49
N SER A 341 33.00 0.49 5.01
CA SER A 341 31.85 -0.42 4.95
C SER A 341 31.56 -0.89 3.52
N LEU A 342 31.79 0.00 2.55
CA LEU A 342 31.56 -0.30 1.15
C LEU A 342 32.55 -1.32 0.57
N ARG A 343 33.82 -1.18 0.92
CA ARG A 343 34.84 -2.20 0.62
C ARG A 343 34.43 -3.56 1.19
N VAL A 344 34.04 -3.60 2.46
CA VAL A 344 33.63 -4.84 3.09
C VAL A 344 32.45 -5.41 2.33
N PHE A 345 31.46 -4.56 2.05
CA PHE A 345 30.27 -4.96 1.29
C PHE A 345 30.64 -5.65 -0.02
N THR A 346 31.60 -5.07 -0.72
CA THR A 346 32.01 -5.53 -2.02
C THR A 346 32.81 -6.84 -1.90
N GLU A 347 33.57 -6.95 -0.83
CA GLU A 347 34.28 -8.18 -0.52
C GLU A 347 33.29 -9.31 -0.28
N ALA A 348 32.26 -9.03 0.51
CA ALA A 348 31.24 -10.06 0.73
C ALA A 348 30.56 -10.46 -0.57
N MET A 349 30.17 -9.47 -1.40
CA MET A 349 29.48 -9.77 -2.65
C MET A 349 30.35 -10.64 -3.53
N THR A 350 31.64 -10.32 -3.56
CA THR A 350 32.61 -11.05 -4.35
C THR A 350 32.72 -12.52 -3.88
N ARG A 351 32.87 -12.72 -2.56
CA ARG A 351 32.85 -14.07 -2.02
C ARG A 351 31.59 -14.84 -2.40
N TYR A 352 30.47 -14.15 -2.49
CA TYR A 352 29.20 -14.79 -2.91
C TYR A 352 29.07 -14.97 -4.45
N SER A 353 30.10 -14.57 -5.19
N SER A 353 30.11 -14.64 -5.21
CA SER A 353 30.18 -14.68 -6.66
CA SER A 353 30.06 -14.67 -6.68
C SER A 353 29.73 -13.42 -7.43
C SER A 353 29.14 -13.57 -7.20
N ALA A 354 29.37 -12.34 -6.74
CA ALA A 354 28.79 -11.14 -7.42
C ALA A 354 29.80 -9.99 -7.32
N PRO A 355 30.97 -10.14 -7.98
CA PRO A 355 31.96 -9.09 -7.85
C PRO A 355 31.56 -7.91 -8.75
N PRO A 356 32.15 -6.73 -8.50
CA PRO A 356 31.74 -5.50 -9.11
C PRO A 356 32.30 -5.25 -10.49
N GLY A 357 31.56 -4.49 -11.29
CA GLY A 357 32.13 -3.91 -12.50
C GLY A 357 32.86 -2.66 -12.05
N ASP A 358 32.11 -1.58 -11.90
CA ASP A 358 32.62 -0.36 -11.27
C ASP A 358 32.63 -0.54 -9.78
N PRO A 359 33.70 -0.13 -9.10
CA PRO A 359 33.65 -0.19 -7.66
C PRO A 359 32.58 0.80 -7.16
N PRO A 360 31.74 0.37 -6.22
CA PRO A 360 30.65 1.24 -5.78
C PRO A 360 31.20 2.47 -5.07
N GLN A 361 30.43 3.54 -5.00
CA GLN A 361 30.93 4.70 -4.29
C GLN A 361 29.81 5.37 -3.51
N PRO A 362 30.14 5.85 -2.30
CA PRO A 362 29.11 6.44 -1.46
C PRO A 362 28.66 7.82 -1.96
N GLU A 363 27.36 8.04 -1.97
CA GLU A 363 26.78 9.30 -2.42
C GLU A 363 26.02 9.95 -1.28
N TYR A 364 26.19 11.27 -1.16
CA TYR A 364 25.56 12.06 -0.12
C TYR A 364 24.53 13.03 -0.67
N ASP A 365 24.11 12.78 -1.92
CA ASP A 365 23.08 13.54 -2.61
C ASP A 365 22.27 12.59 -3.49
N LEU A 366 20.98 12.46 -3.19
CA LEU A 366 20.14 11.49 -3.91
C LEU A 366 20.28 11.65 -5.44
N GLU A 367 20.43 12.89 -5.91
CA GLU A 367 20.49 13.17 -7.34
C GLU A 367 21.69 12.58 -8.01
N LEU A 368 22.72 12.23 -7.26
CA LEU A 368 23.95 11.70 -7.86
C LEU A 368 23.96 10.17 -7.94
N ILE A 369 22.89 9.51 -7.53
CA ILE A 369 22.82 8.07 -7.62
C ILE A 369 22.07 7.67 -8.89
N THR A 370 22.65 6.70 -9.61
CA THR A 370 21.98 6.09 -10.75
C THR A 370 21.49 4.69 -10.38
N SER A 371 20.21 4.45 -10.60
CA SER A 371 19.68 3.11 -10.49
C SER A 371 18.53 2.97 -11.47
N CYS A 372 18.40 1.77 -12.02
CA CYS A 372 17.61 1.55 -13.22
C CYS A 372 18.00 2.59 -14.28
N SER A 373 19.30 2.85 -14.37
CA SER A 373 19.89 3.80 -15.33
C SER A 373 19.35 5.23 -15.22
N SER A 374 18.88 5.62 -14.04
CA SER A 374 18.13 6.85 -13.85
C SER A 374 18.53 7.52 -12.57
N ASN A 375 18.42 8.84 -12.53
CA ASN A 375 18.69 9.59 -11.30
C ASN A 375 17.51 10.51 -10.99
N VAL A 376 17.36 10.82 -9.71
CA VAL A 376 16.36 11.74 -9.26
C VAL A 376 16.78 13.13 -9.68
N SER A 377 15.79 13.91 -10.11
CA SER A 377 16.00 15.34 -10.27
C SER A 377 14.78 16.12 -9.83
N VAL A 378 14.88 17.45 -9.88
CA VAL A 378 13.83 18.33 -9.38
C VAL A 378 13.43 19.38 -10.44
N ALA A 379 12.13 19.56 -10.64
CA ALA A 379 11.56 20.68 -11.41
C ALA A 379 10.44 21.25 -10.56
N HIS A 380 9.54 22.04 -11.15
CA HIS A 380 8.44 22.68 -10.43
C HIS A 380 7.13 22.55 -11.19
N ASP A 381 6.04 22.34 -10.48
CA ASP A 381 4.72 22.33 -11.13
C ASP A 381 4.18 23.76 -11.38
N ALA A 382 2.94 23.87 -11.84
CA ALA A 382 2.34 25.19 -12.15
C ALA A 382 2.24 26.12 -10.92
N SER A 383 2.02 25.52 -9.74
CA SER A 383 1.98 26.28 -8.49
C SER A 383 3.35 26.71 -7.97
N GLY A 384 4.43 26.21 -8.56
CA GLY A 384 5.78 26.55 -8.10
C GLY A 384 6.36 25.49 -7.16
N LYS A 385 5.55 24.48 -6.83
CA LYS A 385 5.95 23.42 -5.90
C LYS A 385 7.04 22.52 -6.49
N ARG A 386 8.02 22.18 -5.68
CA ARG A 386 9.03 21.20 -6.06
C ARG A 386 8.39 19.88 -6.41
N VAL A 387 8.85 19.27 -7.50
CA VAL A 387 8.52 17.89 -7.75
C VAL A 387 9.73 17.12 -8.25
N TYR A 388 9.90 15.93 -7.66
CA TYR A 388 10.99 15.02 -7.98
C TYR A 388 10.50 14.11 -9.06
N TYR A 389 11.43 13.74 -9.93
CA TYR A 389 11.10 12.86 -11.06
C TYR A 389 12.38 12.15 -11.46
N LEU A 390 12.20 11.04 -12.15
CA LEU A 390 13.32 10.21 -12.60
C LEU A 390 13.71 10.59 -14.04
N THR A 391 15.00 10.74 -14.26
CA THR A 391 15.53 11.11 -15.57
C THR A 391 16.83 10.33 -15.83
N ARG A 392 17.45 10.60 -16.97
CA ARG A 392 18.69 9.95 -17.34
C ARG A 392 19.35 10.74 -18.45
N ASP A 393 20.61 10.43 -18.71
CA ASP A 393 21.31 11.00 -19.84
C ASP A 393 20.56 10.55 -21.08
N PRO A 394 20.21 11.48 -21.99
CA PRO A 394 19.37 11.12 -23.13
C PRO A 394 20.08 10.53 -24.35
N THR A 395 21.40 10.41 -24.30
CA THR A 395 22.18 9.93 -25.48
C THR A 395 21.68 8.60 -26.07
N THR A 396 21.50 7.58 -25.24
CA THR A 396 21.07 6.29 -25.79
C THR A 396 19.64 6.34 -26.26
N PRO A 397 18.72 6.88 -25.44
CA PRO A 397 17.40 7.14 -25.98
C PRO A 397 17.31 7.82 -27.33
N LEU A 398 18.14 8.84 -27.54
CA LEU A 398 18.10 9.62 -28.79
C LEU A 398 18.80 8.90 -29.95
N ALA A 399 19.89 8.19 -29.67
CA ALA A 399 20.51 7.26 -30.62
C ALA A 399 19.51 6.26 -31.18
N ARG A 400 18.73 5.65 -30.30
CA ARG A 400 17.72 4.67 -30.70
C ARG A 400 16.55 5.32 -31.41
N ALA A 401 16.14 6.51 -30.95
CA ALA A 401 15.08 7.26 -31.60
C ALA A 401 15.48 7.52 -33.05
N ALA A 402 16.76 7.82 -33.27
CA ALA A 402 17.29 8.08 -34.61
C ALA A 402 17.15 6.85 -35.49
N TRP A 403 17.50 5.69 -34.94
CA TRP A 403 17.34 4.41 -35.64
C TRP A 403 15.87 4.13 -35.97
N GLU A 404 14.98 4.35 -35.01
CA GLU A 404 13.56 4.02 -35.18
C GLU A 404 12.81 5.02 -36.06
N THR A 405 13.43 6.17 -36.33
CA THR A 405 12.93 7.13 -37.32
C THR A 405 12.97 6.54 -38.74
N ALA A 406 14.02 5.79 -39.04
CA ALA A 406 14.28 5.27 -40.39
C ALA A 406 14.04 3.77 -40.53
N ARG A 407 13.85 3.06 -39.42
CA ARG A 407 13.59 1.63 -39.46
C ARG A 407 12.51 1.23 -38.48
N HIS A 408 11.58 0.41 -38.92
CA HIS A 408 10.62 -0.16 -37.98
C HIS A 408 11.26 -1.33 -37.21
N THR A 409 11.21 -1.22 -35.89
CA THR A 409 11.78 -2.20 -34.98
C THR A 409 10.71 -2.95 -34.17
N PRO A 410 11.04 -4.16 -33.68
CA PRO A 410 10.07 -4.97 -32.96
C PRO A 410 9.69 -4.34 -31.63
N VAL A 411 10.61 -3.57 -31.08
CA VAL A 411 10.38 -2.82 -29.86
C VAL A 411 10.66 -1.34 -30.11
N ASN A 412 9.65 -0.51 -29.88
CA ASN A 412 9.78 0.93 -30.06
C ASN A 412 10.25 1.54 -28.76
N SER A 413 11.56 1.70 -28.66
CA SER A 413 12.14 2.18 -27.44
C SER A 413 11.69 3.60 -27.15
N TRP A 414 11.50 4.42 -28.20
CA TRP A 414 11.06 5.79 -28.03
C TRP A 414 9.77 5.86 -27.24
N LEU A 415 8.89 4.90 -27.45
CA LEU A 415 7.59 4.87 -26.80
C LEU A 415 7.70 4.47 -25.31
N GLY A 416 8.53 3.48 -25.01
CA GLY A 416 8.81 3.14 -23.62
C GLY A 416 9.51 4.28 -22.90
N ASN A 417 10.31 5.04 -23.66
CA ASN A 417 10.99 6.17 -23.07
C ASN A 417 10.03 7.32 -22.78
N ILE A 418 9.08 7.57 -23.68
CA ILE A 418 8.05 8.57 -23.43
C ILE A 418 7.18 8.20 -22.23
N ILE A 419 6.75 6.95 -22.18
CA ILE A 419 5.93 6.48 -21.07
C ILE A 419 6.69 6.63 -19.74
N MET A 420 7.89 6.07 -19.66
CA MET A 420 8.59 5.99 -18.39
C MET A 420 9.36 7.27 -18.01
N TYR A 421 9.69 8.11 -18.99
CA TYR A 421 10.38 9.36 -18.72
C TYR A 421 9.55 10.59 -19.15
N ALA A 422 8.24 10.45 -19.13
CA ALA A 422 7.30 11.52 -19.48
C ALA A 422 7.60 12.92 -18.89
N PRO A 423 7.92 13.00 -17.58
CA PRO A 423 8.17 14.34 -16.97
C PRO A 423 9.50 14.98 -17.33
N THR A 424 10.33 14.31 -18.13
CA THR A 424 11.65 14.85 -18.44
C THR A 424 11.59 15.90 -19.57
N LEU A 425 12.51 16.84 -19.50
CA LEU A 425 12.71 17.87 -20.49
C LEU A 425 12.87 17.22 -21.87
N TRP A 426 13.72 16.20 -21.96
CA TRP A 426 14.08 15.61 -23.27
C TRP A 426 12.98 14.72 -23.85
N ALA A 427 12.26 13.99 -23.03
CA ALA A 427 11.15 13.21 -23.59
C ALA A 427 10.03 14.11 -24.10
N ARG A 428 9.76 15.20 -23.38
CA ARG A 428 8.64 16.06 -23.69
C ARG A 428 8.96 16.89 -24.93
N MET A 429 10.14 17.49 -24.95
CA MET A 429 10.49 18.44 -26.00
C MET A 429 10.90 17.78 -27.32
N ILE A 430 11.59 16.63 -27.22
CA ILE A 430 12.16 15.97 -28.40
C ILE A 430 11.39 14.74 -28.83
N LEU A 431 11.25 13.75 -27.95
CA LEU A 431 10.65 12.49 -28.38
C LEU A 431 9.18 12.66 -28.71
N MET A 432 8.43 13.35 -27.86
CA MET A 432 7.02 13.55 -28.16
C MET A 432 6.88 14.37 -29.44
N THR A 433 7.63 15.44 -29.54
CA THR A 433 7.48 16.34 -30.70
C THR A 433 7.80 15.59 -32.00
N HIS A 434 8.93 14.89 -32.00
CA HIS A 434 9.41 14.19 -33.20
C HIS A 434 8.47 13.07 -33.62
N PHE A 435 8.15 12.16 -32.69
CA PHE A 435 7.34 11.02 -33.05
C PHE A 435 5.88 11.34 -33.33
N PHE A 436 5.26 12.27 -32.61
CA PHE A 436 3.89 12.67 -32.96
C PHE A 436 3.83 13.35 -34.35
N SER A 437 4.85 14.13 -34.67
CA SER A 437 5.00 14.70 -36.01
C SER A 437 5.01 13.62 -37.12
N ILE A 438 5.75 12.54 -36.89
CA ILE A 438 5.79 11.40 -37.82
C ILE A 438 4.45 10.68 -37.88
N LEU A 439 3.83 10.49 -36.72
CA LEU A 439 2.57 9.75 -36.64
C LEU A 439 1.46 10.51 -37.33
N LEU A 440 1.41 11.81 -37.11
CA LEU A 440 0.48 12.68 -37.84
C LEU A 440 0.60 12.52 -39.37
N ALA A 441 1.80 12.72 -39.88
CA ALA A 441 2.14 12.66 -41.29
C ALA A 441 1.77 11.33 -41.96
N GLN A 442 1.91 10.22 -41.23
CA GLN A 442 1.54 8.89 -41.76
C GLN A 442 0.16 8.43 -41.33
N GLU A 443 -0.57 9.28 -40.60
CA GLU A 443 -1.88 8.93 -40.08
C GLU A 443 -1.89 7.64 -39.26
N GLN A 444 -0.96 7.51 -38.31
CA GLN A 444 -0.83 6.29 -37.51
C GLN A 444 -0.95 6.51 -35.99
N LEU A 445 -1.68 7.56 -35.60
CA LEU A 445 -1.85 7.87 -34.18
C LEU A 445 -2.63 6.76 -33.46
N GLU A 446 -3.51 6.08 -34.21
CA GLU A 446 -4.40 5.05 -33.66
C GLU A 446 -3.81 3.65 -33.82
N LYS A 447 -2.63 3.53 -34.40
CA LYS A 447 -2.03 2.24 -34.66
C LYS A 447 -1.24 1.79 -33.42
N ALA A 448 -1.65 0.66 -32.86
CA ALA A 448 -1.03 0.06 -31.68
C ALA A 448 0.42 -0.30 -31.98
N LEU A 449 1.33 0.09 -31.10
CA LEU A 449 2.75 -0.26 -31.20
C LEU A 449 3.18 -1.02 -29.95
N ASP A 450 4.18 -1.88 -30.11
CA ASP A 450 4.70 -2.63 -28.98
C ASP A 450 5.88 -1.92 -28.37
N CYS A 451 5.91 -1.88 -27.04
CA CYS A 451 7.10 -1.50 -26.30
C CYS A 451 7.27 -2.44 -25.11
N GLN A 452 8.42 -2.35 -24.48
CA GLN A 452 8.73 -3.21 -23.36
C GLN A 452 8.94 -2.41 -22.10
N ILE A 453 8.11 -2.69 -21.10
CA ILE A 453 8.16 -2.01 -19.80
C ILE A 453 8.42 -3.10 -18.73
N TYR A 454 9.54 -3.02 -18.03
CA TYR A 454 9.95 -4.05 -17.04
C TYR A 454 9.97 -5.44 -17.66
N GLY A 455 10.38 -5.49 -18.94
CA GLY A 455 10.57 -6.72 -19.68
C GLY A 455 9.37 -7.31 -20.36
N ALA A 456 8.17 -6.84 -20.03
CA ALA A 456 6.95 -7.39 -20.61
C ALA A 456 6.56 -6.55 -21.82
N CYS A 457 5.86 -7.15 -22.76
CA CYS A 457 5.55 -6.51 -24.03
C CYS A 457 4.15 -5.98 -23.99
N TYR A 458 3.98 -4.71 -24.30
CA TYR A 458 2.66 -4.12 -24.27
C TYR A 458 2.35 -3.56 -25.64
N SER A 459 1.12 -3.74 -26.09
CA SER A 459 0.69 -3.13 -27.33
C SER A 459 -0.09 -1.88 -26.95
N ILE A 460 0.42 -0.72 -27.39
CA ILE A 460 -0.07 0.58 -26.93
C ILE A 460 -0.37 1.52 -28.11
N GLU A 461 -1.53 2.16 -28.05
CA GLU A 461 -1.89 3.22 -29.02
C GLU A 461 -1.33 4.54 -28.53
N PRO A 462 -0.54 5.23 -29.38
CA PRO A 462 -0.03 6.58 -29.07
C PRO A 462 -1.07 7.60 -28.58
N LEU A 463 -2.31 7.48 -29.07
CA LEU A 463 -3.39 8.37 -28.63
C LEU A 463 -3.70 8.17 -27.15
N ASP A 464 -3.32 7.01 -26.60
CA ASP A 464 -3.59 6.71 -25.18
C ASP A 464 -2.55 7.23 -24.19
N LEU A 465 -1.52 7.90 -24.70
CA LEU A 465 -0.40 8.30 -23.88
C LEU A 465 -0.73 9.29 -22.76
N PRO A 466 -1.61 10.29 -23.00
CA PRO A 466 -1.94 11.20 -21.92
C PRO A 466 -2.48 10.50 -20.67
N GLN A 467 -3.42 9.58 -20.84
CA GLN A 467 -4.04 8.84 -19.72
C GLN A 467 -3.03 7.89 -19.07
N ILE A 468 -2.18 7.27 -19.88
CA ILE A 468 -1.12 6.40 -19.35
C ILE A 468 -0.17 7.23 -18.51
N ILE A 469 0.17 8.41 -19.01
CA ILE A 469 1.12 9.28 -18.33
C ILE A 469 0.54 9.83 -17.01
N GLU A 470 -0.72 10.24 -16.99
CA GLU A 470 -1.37 10.73 -15.78
C GLU A 470 -1.30 9.62 -14.73
N ARG A 471 -1.70 8.42 -15.12
CA ARG A 471 -1.66 7.28 -14.20
C ARG A 471 -0.26 6.92 -13.63
N LEU A 472 0.79 6.96 -14.45
CA LEU A 472 2.13 6.58 -13.95
C LEU A 472 2.83 7.70 -13.20
N HIS A 473 2.50 8.94 -13.54
CA HIS A 473 3.27 10.09 -13.09
C HIS A 473 2.43 11.19 -12.38
N GLY A 474 1.10 11.15 -12.52
CA GLY A 474 0.26 12.28 -12.15
C GLY A 474 0.31 13.43 -13.15
N LEU A 475 -0.66 14.35 -13.01
CA LEU A 475 -0.82 15.50 -13.93
C LEU A 475 0.37 16.43 -13.96
N SER A 476 1.18 16.46 -12.91
CA SER A 476 2.32 17.36 -12.86
C SER A 476 3.30 17.14 -14.01
N ALA A 477 3.39 15.89 -14.49
CA ALA A 477 4.19 15.54 -15.67
C ALA A 477 3.91 16.47 -16.86
N PHE A 478 2.67 16.95 -16.95
CA PHE A 478 2.24 17.86 -18.02
C PHE A 478 2.45 19.35 -17.71
N SER A 479 2.97 19.65 -16.51
CA SER A 479 3.11 21.05 -16.07
C SER A 479 4.53 21.42 -15.64
N LEU A 480 5.45 20.46 -15.58
CA LEU A 480 6.77 20.73 -15.00
C LEU A 480 7.56 21.79 -15.72
N HIS A 481 8.34 22.56 -14.96
CA HIS A 481 9.18 23.62 -15.52
C HIS A 481 10.22 24.03 -14.47
N SER A 482 11.10 24.96 -14.84
CA SER A 482 12.29 25.28 -14.05
C SER A 482 13.01 23.99 -13.66
N TYR A 483 13.48 23.27 -14.67
CA TYR A 483 14.35 22.12 -14.48
C TYR A 483 15.66 22.62 -13.91
N SER A 484 16.46 21.74 -13.32
CA SER A 484 17.70 22.14 -12.67
C SER A 484 18.72 22.47 -13.73
N PRO A 485 19.64 23.41 -13.44
CA PRO A 485 20.74 23.72 -14.35
C PRO A 485 21.59 22.54 -14.76
N GLY A 486 21.81 21.60 -13.84
CA GLY A 486 22.60 20.44 -14.15
C GLY A 486 21.90 19.56 -15.15
N GLU A 487 20.59 19.44 -15.03
CA GLU A 487 19.82 18.63 -15.98
C GLU A 487 19.73 19.29 -17.38
N ILE A 488 19.47 20.61 -17.41
CA ILE A 488 19.43 21.36 -18.67
C ILE A 488 20.76 21.20 -19.37
N ASN A 489 21.83 21.36 -18.62
CA ASN A 489 23.17 21.25 -19.17
C ASN A 489 23.50 19.89 -19.78
N ARG A 490 23.07 18.81 -19.13
CA ARG A 490 23.34 17.47 -19.64
C ARG A 490 22.59 17.19 -20.95
N VAL A 491 21.33 17.63 -21.01
CA VAL A 491 20.57 17.51 -22.24
C VAL A 491 21.23 18.33 -23.35
N ALA A 492 21.46 19.63 -23.10
CA ALA A 492 22.12 20.49 -24.09
C ALA A 492 23.43 19.90 -24.64
N SER A 493 24.24 19.31 -23.77
CA SER A 493 25.50 18.61 -24.16
C SER A 493 25.29 17.45 -25.10
N CYS A 494 24.28 16.64 -24.78
CA CYS A 494 23.94 15.47 -25.56
C CYS A 494 23.57 15.84 -27.00
N LEU A 495 22.80 16.91 -27.13
CA LEU A 495 22.30 17.39 -28.43
C LEU A 495 23.46 17.86 -29.26
N ARG A 496 24.37 18.58 -28.62
CA ARG A 496 25.58 19.00 -29.32
C ARG A 496 26.41 17.78 -29.73
N LYS A 497 26.48 16.74 -28.88
CA LYS A 497 27.25 15.54 -29.23
C LYS A 497 26.67 14.81 -30.44
N LEU A 498 25.34 14.66 -30.45
CA LEU A 498 24.66 13.90 -31.50
C LEU A 498 24.26 14.72 -32.75
N GLY A 499 24.39 16.05 -32.67
CA GLY A 499 23.98 16.94 -33.75
C GLY A 499 22.47 17.03 -33.87
N VAL A 500 21.83 17.13 -32.70
CA VAL A 500 20.38 17.23 -32.59
C VAL A 500 20.08 18.72 -32.54
N PRO A 501 19.02 19.14 -33.23
CA PRO A 501 18.65 20.56 -33.12
C PRO A 501 18.41 21.01 -31.67
N PRO A 502 18.76 22.27 -31.37
CA PRO A 502 18.67 22.79 -29.99
C PRO A 502 17.22 22.89 -29.54
N LEU A 503 17.00 22.97 -28.23
CA LEU A 503 15.65 22.91 -27.68
C LEU A 503 14.73 24.02 -28.16
N ARG A 504 15.29 25.19 -28.43
CA ARG A 504 14.49 26.28 -29.00
C ARG A 504 13.83 25.86 -30.30
N VAL A 505 14.55 25.05 -31.10
CA VAL A 505 13.98 24.51 -32.34
C VAL A 505 12.81 23.58 -32.02
N TRP A 506 12.99 22.71 -31.03
CA TRP A 506 11.96 21.73 -30.68
C TRP A 506 10.68 22.38 -30.15
N ARG A 507 10.83 23.47 -29.42
CA ARG A 507 9.64 24.23 -28.95
C ARG A 507 8.82 24.73 -30.14
N HIS A 508 9.51 25.29 -31.13
CA HIS A 508 8.87 25.75 -32.38
C HIS A 508 8.07 24.63 -33.07
N ARG A 509 8.72 23.50 -33.31
CA ARG A 509 8.02 22.37 -33.93
C ARG A 509 6.87 21.87 -33.09
N ALA A 510 7.03 21.90 -31.76
CA ALA A 510 5.98 21.41 -30.86
C ALA A 510 4.68 22.20 -30.98
N ARG A 511 4.82 23.51 -31.18
CA ARG A 511 3.64 24.38 -31.41
C ARG A 511 2.88 23.95 -32.67
N SER A 512 3.64 23.66 -33.74
CA SER A 512 3.09 23.07 -34.96
C SER A 512 2.42 21.74 -34.71
N VAL A 513 3.13 20.80 -34.08
CA VAL A 513 2.56 19.47 -33.83
C VAL A 513 1.31 19.57 -32.99
N ARG A 514 1.36 20.45 -31.99
CA ARG A 514 0.18 20.72 -31.14
C ARG A 514 -1.01 21.26 -31.90
N ALA A 515 -0.80 22.29 -32.74
CA ALA A 515 -1.92 22.84 -33.54
C ALA A 515 -2.50 21.74 -34.44
N ARG A 516 -1.61 20.97 -35.05
CA ARG A 516 -2.02 19.83 -35.89
C ARG A 516 -2.90 18.84 -35.13
N LEU A 517 -2.47 18.45 -33.93
CA LEU A 517 -3.26 17.56 -33.09
C LEU A 517 -4.60 18.19 -32.66
N LEU A 518 -4.57 19.46 -32.25
CA LEU A 518 -5.84 20.12 -31.86
C LEU A 518 -6.86 20.10 -33.01
N SER A 519 -6.39 20.40 -34.23
CA SER A 519 -7.25 20.40 -35.43
C SER A 519 -8.11 19.12 -35.53
N GLN A 520 -7.52 17.96 -35.19
CA GLN A 520 -8.20 16.67 -35.38
C GLN A 520 -9.25 16.36 -34.34
N GLY A 521 -9.24 17.08 -33.23
CA GLY A 521 -10.20 16.81 -32.16
C GLY A 521 -10.03 15.41 -31.60
N GLY A 522 -11.01 14.98 -30.82
CA GLY A 522 -10.99 13.67 -30.19
C GLY A 522 -9.73 13.44 -29.38
N ARG A 523 -9.24 12.21 -29.42
CA ARG A 523 -8.10 11.81 -28.62
C ARG A 523 -6.82 12.49 -29.09
N ALA A 524 -6.73 12.81 -30.38
CA ALA A 524 -5.60 13.57 -30.91
C ALA A 524 -5.53 14.97 -30.25
N ALA A 525 -6.67 15.63 -30.08
CA ALA A 525 -6.67 16.99 -29.50
C ALA A 525 -6.27 16.93 -28.03
N THR A 526 -6.78 15.93 -27.31
CA THR A 526 -6.31 15.61 -25.96
C THR A 526 -4.78 15.46 -25.91
N CYS A 527 -4.18 14.77 -26.88
CA CYS A 527 -2.72 14.67 -26.95
C CYS A 527 -2.06 16.04 -27.15
N GLY A 528 -2.66 16.84 -28.02
CA GLY A 528 -2.20 18.20 -28.22
C GLY A 528 -2.34 18.99 -26.95
N LYS A 529 -3.53 18.94 -26.36
CA LYS A 529 -3.82 19.73 -25.15
C LYS A 529 -2.84 19.37 -24.01
N TYR A 530 -2.73 18.09 -23.64
CA TYR A 530 -1.88 17.68 -22.47
C TYR A 530 -0.39 17.54 -22.71
N LEU A 531 -0.01 16.90 -23.82
CA LEU A 531 1.41 16.61 -24.06
C LEU A 531 2.19 17.84 -24.43
N PHE A 532 1.53 18.83 -25.05
CA PHE A 532 2.27 20.00 -25.59
C PHE A 532 1.86 21.34 -24.99
N ASN A 533 1.20 21.30 -23.84
CA ASN A 533 0.92 22.55 -23.08
C ASN A 533 2.18 23.33 -22.75
N TRP A 534 3.29 22.64 -22.53
CA TRP A 534 4.58 23.32 -22.32
C TRP A 534 4.99 24.21 -23.50
N ALA A 535 4.43 23.95 -24.68
CA ALA A 535 4.92 24.61 -25.90
C ALA A 535 4.31 26.00 -26.10
N VAL A 536 3.25 26.31 -25.39
CA VAL A 536 2.55 27.61 -25.53
C VAL A 536 2.70 28.49 -24.29
N LYS A 537 2.78 29.81 -24.47
CA LYS A 537 2.86 30.74 -23.33
C LYS A 537 1.52 30.87 -22.62
N THR A 538 0.44 31.03 -23.38
CA THR A 538 -0.90 31.03 -22.80
C THR A 538 -1.33 29.59 -22.55
N LYS A 539 -0.85 29.04 -21.44
CA LYS A 539 -1.08 27.64 -21.07
C LYS A 539 -2.53 27.37 -20.68
N LEU A 540 -3.04 26.23 -21.14
CA LEU A 540 -4.38 25.76 -20.78
C LEU A 540 -4.36 25.17 -19.37
N LYS A 541 -5.53 25.10 -18.74
CA LYS A 541 -5.68 24.48 -17.41
C LYS A 541 -5.94 22.97 -17.56
N LEU A 542 -4.98 22.17 -17.13
CA LEU A 542 -5.07 20.72 -17.30
C LEU A 542 -5.72 20.10 -16.07
N THR A 543 -6.75 19.30 -16.30
CA THR A 543 -7.52 18.63 -15.26
C THR A 543 -7.52 17.13 -15.51
N PRO A 544 -7.89 16.32 -14.50
CA PRO A 544 -7.81 14.87 -14.71
C PRO A 544 -8.58 14.40 -15.95
N ILE A 545 -7.96 13.50 -16.70
CA ILE A 545 -8.54 12.97 -17.93
C ILE A 545 -9.50 11.85 -17.52
N PRO A 546 -10.79 11.98 -17.90
CA PRO A 546 -11.77 10.93 -17.53
C PRO A 546 -11.33 9.52 -17.88
N ALA A 547 -10.83 9.31 -19.10
CA ALA A 547 -10.43 7.97 -19.55
C ALA A 547 -9.26 7.37 -18.74
N ALA A 548 -8.63 8.17 -17.86
CA ALA A 548 -7.52 7.72 -17.04
C ALA A 548 -7.98 6.79 -15.95
N SER A 549 -9.02 7.21 -15.21
CA SER A 549 -9.62 6.34 -14.17
C SER A 549 -10.22 5.08 -14.80
N ARG A 550 -10.50 5.16 -16.10
CA ARG A 550 -11.08 4.05 -16.87
C ARG A 550 -10.03 3.06 -17.39
N LEU A 551 -8.76 3.48 -17.45
CA LEU A 551 -7.67 2.63 -17.97
C LEU A 551 -7.46 1.36 -17.13
N ASP A 552 -7.23 0.25 -17.82
CA ASP A 552 -6.95 -1.01 -17.14
C ASP A 552 -5.44 -1.20 -17.07
N LEU A 553 -4.82 -0.55 -16.09
CA LEU A 553 -3.39 -0.70 -15.82
C LEU A 553 -3.10 -1.91 -14.89
N SER A 554 -3.99 -2.89 -14.91
CA SER A 554 -3.66 -4.22 -14.40
C SER A 554 -2.68 -4.86 -15.40
N GLY A 555 -1.75 -5.66 -14.87
CA GLY A 555 -0.69 -6.23 -15.68
C GLY A 555 0.47 -5.27 -15.84
N TRP A 556 0.31 -4.05 -15.31
CA TRP A 556 1.37 -3.05 -15.26
C TRP A 556 1.92 -2.97 -13.85
N PHE A 557 3.25 -3.03 -13.73
CA PHE A 557 3.93 -2.80 -12.46
C PHE A 557 3.50 -3.81 -11.41
N VAL A 558 3.48 -5.07 -11.79
CA VAL A 558 3.31 -6.14 -10.82
C VAL A 558 4.66 -6.72 -10.57
N ALA A 559 5.31 -7.14 -11.66
CA ALA A 559 6.58 -7.81 -11.59
C ALA A 559 7.42 -7.47 -12.81
N GLY A 560 8.65 -7.97 -12.83
CA GLY A 560 9.55 -7.82 -13.95
C GLY A 560 9.59 -9.14 -14.68
N TYR A 561 9.79 -9.08 -15.99
CA TYR A 561 9.65 -10.25 -16.85
C TYR A 561 10.65 -10.26 -18.01
N SER A 562 11.82 -9.68 -17.79
CA SER A 562 12.84 -9.57 -18.83
C SER A 562 13.28 -10.97 -19.27
N GLY A 563 13.14 -11.22 -20.57
CA GLY A 563 13.47 -12.49 -21.20
C GLY A 563 12.35 -13.50 -21.12
N GLY A 564 11.22 -13.10 -20.53
CA GLY A 564 10.20 -14.04 -20.07
C GLY A 564 9.06 -14.25 -21.02
N ASP A 565 9.09 -13.59 -22.17
CA ASP A 565 8.14 -13.87 -23.23
C ASP A 565 6.70 -13.63 -22.76
N ILE A 566 6.49 -12.49 -22.11
CA ILE A 566 5.17 -12.10 -21.59
C ILE A 566 4.60 -10.91 -22.40
N TYR A 567 3.31 -11.00 -22.71
CA TYR A 567 2.62 -10.01 -23.53
C TYR A 567 1.29 -9.62 -22.89
N HIS A 568 1.00 -8.32 -22.93
CA HIS A 568 -0.29 -7.76 -22.46
C HIS A 568 -0.90 -6.86 -23.54
N SER A 569 -2.18 -7.10 -23.81
CA SER A 569 -2.86 -6.67 -25.04
C SER A 569 -3.17 -5.17 -25.07
N HIS B 7 -31.53 22.93 3.49
CA HIS B 7 -30.41 22.76 4.46
C HIS B 7 -29.78 21.40 4.26
N MET B 8 -29.18 21.18 3.09
CA MET B 8 -28.65 19.87 2.70
C MET B 8 -27.31 19.62 3.36
N SER B 9 -27.08 18.37 3.76
CA SER B 9 -25.80 17.97 4.34
C SER B 9 -24.63 18.17 3.40
N TYR B 10 -24.87 17.92 2.10
CA TYR B 10 -23.85 18.04 1.03
C TYR B 10 -24.49 18.46 -0.27
N THR B 11 -23.70 19.12 -1.12
CA THR B 11 -24.04 19.29 -2.53
C THR B 11 -22.88 18.76 -3.33
N TRP B 12 -23.17 18.18 -4.49
CA TRP B 12 -22.14 17.53 -5.30
C TRP B 12 -22.01 18.06 -6.73
N THR B 13 -20.77 18.10 -7.24
CA THR B 13 -20.48 18.45 -8.63
C THR B 13 -20.63 17.28 -9.61
N GLY B 14 -20.51 16.05 -9.13
CA GLY B 14 -20.48 14.91 -10.04
C GLY B 14 -19.08 14.42 -10.37
N ALA B 15 -18.04 15.15 -9.96
CA ALA B 15 -16.69 14.62 -9.97
C ALA B 15 -16.66 13.41 -9.02
N LEU B 16 -15.88 12.41 -9.37
CA LEU B 16 -15.84 11.16 -8.62
C LEU B 16 -14.98 11.26 -7.37
N ILE B 17 -15.33 10.46 -6.35
CA ILE B 17 -14.45 10.24 -5.22
C ILE B 17 -13.48 9.19 -5.67
N THR B 18 -12.20 9.55 -5.73
CA THR B 18 -11.20 8.70 -6.33
C THR B 18 -10.25 8.06 -5.33
N PRO B 19 -9.67 6.90 -5.69
CA PRO B 19 -8.75 6.23 -4.79
C PRO B 19 -7.39 6.88 -4.86
N CYS B 20 -6.53 6.58 -3.90
N CYS B 20 -6.53 6.55 -3.89
CA CYS B 20 -5.13 6.98 -3.98
CA CYS B 20 -5.14 6.99 -3.93
C CYS B 20 -4.26 5.85 -4.52
C CYS B 20 -4.20 5.81 -4.12
N ALA B 21 -4.75 4.62 -4.39
CA ALA B 21 -3.97 3.42 -4.63
C ALA B 21 -4.89 2.37 -5.20
N ALA B 22 -4.31 1.26 -5.66
CA ALA B 22 -5.11 0.16 -6.19
C ALA B 22 -5.94 -0.37 -5.02
N GLU B 23 -7.16 -0.81 -5.31
CA GLU B 23 -8.07 -1.27 -4.28
C GLU B 23 -8.50 -2.68 -4.62
N GLU B 24 -8.60 -3.51 -3.60
CA GLU B 24 -9.10 -4.87 -3.76
C GLU B 24 -10.42 -5.00 -3.03
N SER B 25 -11.38 -5.67 -3.67
CA SER B 25 -12.66 -6.01 -3.04
C SER B 25 -12.75 -7.50 -2.67
N LYS B 26 -12.12 -8.38 -3.46
CA LYS B 26 -12.11 -9.82 -3.19
C LYS B 26 -11.03 -10.16 -2.16
N LEU B 27 -11.36 -11.07 -1.26
CA LEU B 27 -10.44 -11.54 -0.22
C LEU B 27 -9.17 -12.11 -0.84
N PRO B 28 -8.00 -11.53 -0.57
CA PRO B 28 -6.75 -12.12 -1.06
C PRO B 28 -6.39 -13.40 -0.30
N ILE B 29 -5.97 -14.41 -1.05
CA ILE B 29 -5.74 -15.75 -0.50
C ILE B 29 -4.24 -15.99 -0.51
N ASN B 30 -3.71 -16.46 0.62
CA ASN B 30 -2.34 -16.93 0.66
C ASN B 30 -2.26 -18.33 1.28
N ALA B 31 -1.05 -18.76 1.64
CA ALA B 31 -0.85 -20.13 2.18
C ALA B 31 -1.50 -20.31 3.57
N LEU B 32 -1.74 -19.21 4.28
CA LEU B 32 -2.36 -19.25 5.62
C LEU B 32 -3.90 -19.16 5.63
N SER B 33 -4.50 -18.65 4.55
CA SER B 33 -5.91 -18.27 4.58
C SER B 33 -6.81 -19.42 5.03
N ASN B 34 -6.64 -20.59 4.42
CA ASN B 34 -7.56 -21.71 4.64
C ASN B 34 -7.54 -22.31 6.04
N SER B 35 -6.47 -22.06 6.78
CA SER B 35 -6.38 -22.52 8.16
C SER B 35 -7.23 -21.64 9.10
N LEU B 36 -7.62 -20.44 8.66
CA LEU B 36 -8.62 -19.62 9.38
C LEU B 36 -10.03 -19.77 8.84
N LEU B 37 -10.21 -19.62 7.52
CA LEU B 37 -11.52 -19.37 6.94
C LEU B 37 -11.60 -19.94 5.54
N ARG B 38 -12.61 -20.77 5.28
CA ARG B 38 -12.71 -21.45 3.97
C ARG B 38 -13.70 -20.81 3.02
N HIS B 39 -14.71 -20.10 3.54
CA HIS B 39 -15.78 -19.53 2.69
C HIS B 39 -15.40 -18.12 2.23
N HIS B 40 -14.44 -18.05 1.33
CA HIS B 40 -13.82 -16.78 0.96
C HIS B 40 -14.79 -15.81 0.30
N ASN B 41 -15.79 -16.35 -0.40
CA ASN B 41 -16.72 -15.51 -1.14
C ASN B 41 -17.55 -14.62 -0.22
N MET B 42 -17.59 -14.94 1.06
CA MET B 42 -18.43 -14.25 2.02
C MET B 42 -17.74 -13.00 2.55
N VAL B 43 -16.45 -12.85 2.26
CA VAL B 43 -15.65 -11.74 2.77
C VAL B 43 -15.28 -10.79 1.62
N TYR B 44 -15.47 -9.49 1.86
CA TYR B 44 -15.17 -8.46 0.88
C TYR B 44 -14.66 -7.18 1.54
N ALA B 45 -13.97 -6.35 0.74
CA ALA B 45 -13.58 -5.01 1.15
C ALA B 45 -14.35 -3.99 0.31
N THR B 46 -14.70 -2.86 0.93
CA THR B 46 -15.34 -1.75 0.21
C THR B 46 -14.25 -1.03 -0.57
N THR B 47 -14.62 -0.49 -1.73
CA THR B 47 -13.72 0.34 -2.53
C THR B 47 -14.43 1.64 -2.90
N SER B 48 -13.65 2.59 -3.41
CA SER B 48 -14.17 3.86 -3.93
C SER B 48 -15.23 3.69 -5.03
N ARG B 49 -15.29 2.52 -5.61
CA ARG B 49 -16.27 2.20 -6.62
C ARG B 49 -17.71 2.34 -6.11
N SER B 50 -17.95 2.06 -4.82
CA SER B 50 -19.27 2.21 -4.20
C SER B 50 -19.53 3.60 -3.54
N ALA B 51 -18.54 4.49 -3.59
CA ALA B 51 -18.63 5.84 -2.98
C ALA B 51 -19.84 6.65 -3.46
N GLY B 52 -20.19 6.50 -4.74
CA GLY B 52 -21.38 7.12 -5.31
C GLY B 52 -22.67 6.71 -4.62
N LEU B 53 -22.73 5.49 -4.09
CA LEU B 53 -23.92 5.01 -3.38
C LEU B 53 -24.01 5.65 -1.98
N ARG B 54 -22.84 5.81 -1.35
CA ARG B 54 -22.74 6.43 -0.04
C ARG B 54 -23.11 7.90 -0.13
N GLN B 55 -22.62 8.58 -1.18
CA GLN B 55 -22.98 9.96 -1.47
C GLN B 55 -24.49 10.12 -1.44
N LYS B 56 -25.19 9.21 -2.09
CA LYS B 56 -26.63 9.26 -2.08
C LYS B 56 -27.16 9.16 -0.64
N LYS B 57 -26.60 8.22 0.15
CA LYS B 57 -27.17 7.96 1.47
C LYS B 57 -26.96 9.08 2.47
N VAL B 58 -25.81 9.73 2.40
CA VAL B 58 -25.42 10.76 3.37
C VAL B 58 -25.96 12.16 3.04
N THR B 59 -26.70 12.27 1.94
CA THR B 59 -27.14 13.57 1.43
C THR B 59 -28.62 13.70 1.70
N PHE B 60 -28.96 14.62 2.60
CA PHE B 60 -30.36 14.88 2.89
C PHE B 60 -30.53 16.24 3.58
N ASP B 61 -31.78 16.66 3.65
CA ASP B 61 -32.13 17.97 4.17
C ASP B 61 -32.32 17.80 5.66
N ARG B 62 -31.79 18.71 6.46
CA ARG B 62 -31.96 18.66 7.90
C ARG B 62 -32.82 19.83 8.34
N LEU B 63 -33.91 19.53 9.04
CA LEU B 63 -34.68 20.57 9.73
C LEU B 63 -34.57 20.30 11.23
N GLN B 64 -34.39 21.38 12.00
CA GLN B 64 -34.24 21.33 13.45
C GLN B 64 -35.25 22.22 14.13
N VAL B 65 -35.99 21.68 15.09
CA VAL B 65 -36.87 22.46 15.95
C VAL B 65 -36.33 22.31 17.37
N LEU B 66 -35.83 23.40 17.95
CA LEU B 66 -35.15 23.35 19.23
C LEU B 66 -35.99 23.98 20.34
N ASP B 67 -36.19 23.22 21.42
CA ASP B 67 -37.11 23.59 22.49
C ASP B 67 -36.42 23.85 23.85
N ASP B 68 -37.21 23.95 24.90
CA ASP B 68 -36.69 24.34 26.20
C ASP B 68 -35.89 23.22 26.87
N HIS B 69 -36.31 21.98 26.70
CA HIS B 69 -35.47 20.83 27.12
C HIS B 69 -34.05 20.96 26.58
N TYR B 70 -33.93 21.26 25.29
CA TYR B 70 -32.63 21.40 24.62
C TYR B 70 -31.79 22.50 25.20
N ARG B 71 -32.36 23.69 25.36
CA ARG B 71 -31.60 24.83 25.93
C ARG B 71 -31.29 24.65 27.42
N ASP B 72 -32.20 24.03 28.16
CA ASP B 72 -31.99 23.69 29.57
C ASP B 72 -30.74 22.81 29.72
N VAL B 73 -30.71 21.72 28.96
CA VAL B 73 -29.56 20.79 29.01
C VAL B 73 -28.29 21.51 28.64
N LEU B 74 -28.36 22.30 27.57
CA LEU B 74 -27.18 23.04 27.09
C LEU B 74 -26.64 23.99 28.11
N LYS B 75 -27.51 24.80 28.73
CA LYS B 75 -27.06 25.66 29.84
C LYS B 75 -26.32 24.85 30.93
N GLU B 76 -26.87 23.70 31.28
CA GLU B 76 -26.24 22.80 32.27
C GLU B 76 -24.86 22.30 31.78
N MET B 77 -24.79 21.91 30.51
CA MET B 77 -23.51 21.51 29.92
C MET B 77 -22.50 22.64 29.98
N LYS B 78 -22.93 23.88 29.66
CA LYS B 78 -22.02 25.02 29.68
C LYS B 78 -21.53 25.38 31.09
N ALA B 79 -22.38 25.22 32.10
CA ALA B 79 -21.95 25.49 33.49
C ALA B 79 -20.75 24.59 33.84
N LYS B 80 -20.87 23.32 33.48
CA LYS B 80 -19.76 22.36 33.69
C LYS B 80 -18.51 22.70 32.86
N ALA B 81 -18.68 23.02 31.57
CA ALA B 81 -17.57 23.47 30.70
C ALA B 81 -16.83 24.68 31.22
N SER B 82 -17.54 25.58 31.87
CA SER B 82 -16.87 26.79 32.37
C SER B 82 -15.84 26.50 33.44
N THR B 83 -15.89 25.32 34.05
CA THR B 83 -14.88 24.95 35.05
C THR B 83 -13.61 24.39 34.40
N VAL B 84 -13.65 24.08 33.11
CA VAL B 84 -12.52 23.45 32.42
C VAL B 84 -11.49 24.51 32.05
N LYS B 85 -10.21 24.26 32.33
CA LYS B 85 -9.10 25.06 31.82
C LYS B 85 -8.24 24.24 30.85
N ALA B 86 -7.93 24.82 29.69
CA ALA B 86 -7.23 24.10 28.64
C ALA B 86 -6.09 24.93 28.12
N LYS B 87 -4.98 24.27 27.79
CA LYS B 87 -3.79 24.94 27.34
C LYS B 87 -3.57 24.69 25.86
N LEU B 88 -2.68 25.49 25.32
CA LEU B 88 -2.26 25.43 23.93
C LEU B 88 -1.08 24.48 23.88
N LEU B 89 -1.04 23.58 22.90
CA LEU B 89 0.17 22.81 22.66
C LEU B 89 1.16 23.65 21.87
N SER B 90 2.44 23.39 22.05
CA SER B 90 3.45 23.91 21.15
C SER B 90 3.39 23.12 19.83
N VAL B 91 4.02 23.67 18.80
CA VAL B 91 4.07 23.00 17.49
C VAL B 91 4.64 21.59 17.65
N GLU B 92 5.73 21.48 18.41
CA GLU B 92 6.44 20.23 18.58
C GLU B 92 5.63 19.17 19.34
N GLU B 93 4.87 19.57 20.36
CA GLU B 93 3.95 18.64 21.04
C GLU B 93 2.91 18.12 20.05
N ALA B 94 2.26 19.05 19.33
CA ALA B 94 1.26 18.71 18.33
C ALA B 94 1.85 17.75 17.29
N CYS B 95 3.04 18.09 16.79
CA CYS B 95 3.75 17.29 15.80
C CYS B 95 3.94 15.85 16.27
N LYS B 96 4.25 15.67 17.55
CA LYS B 96 4.57 14.34 18.08
C LYS B 96 3.34 13.48 18.27
N LEU B 97 2.17 14.10 18.23
CA LEU B 97 0.89 13.37 18.25
C LEU B 97 0.47 12.88 16.86
N THR B 98 1.24 13.20 15.83
CA THR B 98 0.84 12.82 14.47
C THR B 98 1.26 11.39 14.12
N PRO B 99 0.32 10.58 13.62
CA PRO B 99 0.66 9.22 13.19
C PRO B 99 1.74 9.16 12.08
N PRO B 100 2.72 8.25 12.24
CA PRO B 100 3.77 8.06 11.22
C PRO B 100 3.27 7.90 9.78
N HIS B 101 2.12 7.24 9.59
CA HIS B 101 1.57 7.04 8.24
C HIS B 101 0.37 7.94 7.87
N SER B 102 0.12 8.98 8.66
CA SER B 102 -0.89 10.01 8.32
C SER B 102 -0.66 10.57 6.89
N ALA B 103 -1.73 11.05 6.26
CA ALA B 103 -1.66 11.60 4.89
C ALA B 103 -0.67 12.78 4.76
N LYS B 104 0.15 12.76 3.72
CA LYS B 104 1.15 13.78 3.53
C LYS B 104 0.48 15.12 3.22
N SER B 105 1.19 16.20 3.48
CA SER B 105 0.70 17.52 3.12
C SER B 105 0.71 17.73 1.59
N LYS B 106 -0.28 18.47 1.09
CA LYS B 106 -0.24 19.02 -0.27
C LYS B 106 0.96 19.92 -0.48
N PHE B 107 1.58 20.42 0.59
CA PHE B 107 2.67 21.41 0.46
C PHE B 107 4.06 20.84 0.64
N GLY B 108 4.25 19.57 0.29
CA GLY B 108 5.60 18.99 0.16
C GLY B 108 6.33 18.58 1.43
N TYR B 109 5.60 18.10 2.42
CA TYR B 109 6.21 17.37 3.53
C TYR B 109 5.19 16.33 3.95
N GLY B 110 5.64 15.34 4.71
CA GLY B 110 4.77 14.27 5.13
C GLY B 110 4.73 14.12 6.63
N ALA B 111 4.05 13.09 7.09
CA ALA B 111 3.89 12.80 8.53
C ALA B 111 5.23 12.57 9.24
N LYS B 112 6.16 11.84 8.62
CA LYS B 112 7.45 11.55 9.27
C LYS B 112 8.34 12.78 9.37
N ASP B 113 8.20 13.70 8.43
CA ASP B 113 8.83 15.02 8.50
C ASP B 113 8.23 15.82 9.65
N VAL B 114 6.91 15.77 9.79
CA VAL B 114 6.21 16.41 10.92
C VAL B 114 6.70 15.83 12.26
N ARG B 115 6.73 14.51 12.35
CA ARG B 115 7.19 13.81 13.56
C ARG B 115 8.65 14.11 13.90
N ASN B 116 9.47 14.38 12.88
CA ASN B 116 10.89 14.67 13.06
C ASN B 116 11.18 16.14 13.26
N LEU B 117 10.13 16.96 13.34
CA LEU B 117 10.25 18.39 13.50
C LEU B 117 11.06 19.03 12.36
N SER B 118 10.91 18.47 11.15
CA SER B 118 11.63 19.00 9.99
C SER B 118 11.24 20.46 9.81
N SER B 119 12.23 21.32 9.59
CA SER B 119 12.00 22.77 9.55
C SER B 119 10.97 23.20 8.52
N LYS B 120 10.90 22.49 7.40
CA LYS B 120 9.91 22.77 6.36
C LYS B 120 8.49 22.53 6.85
N ALA B 121 8.29 21.38 7.48
CA ALA B 121 7.02 21.06 8.14
C ALA B 121 6.63 22.17 9.13
N VAL B 122 7.54 22.49 10.03
CA VAL B 122 7.26 23.38 11.16
C VAL B 122 7.05 24.82 10.68
N ASN B 123 7.80 25.22 9.65
CA ASN B 123 7.59 26.51 8.98
C ASN B 123 6.20 26.58 8.34
N HIS B 124 5.73 25.49 7.73
CA HIS B 124 4.39 25.51 7.15
C HIS B 124 3.31 25.59 8.21
N ILE B 125 3.49 24.82 9.29
CA ILE B 125 2.53 24.80 10.39
C ILE B 125 2.42 26.19 11.02
N HIS B 126 3.54 26.86 11.30
CA HIS B 126 3.48 28.24 11.81
C HIS B 126 2.69 29.15 10.86
N SER B 127 2.93 29.01 9.57
CA SER B 127 2.24 29.83 8.59
C SER B 127 0.72 29.53 8.51
N VAL B 128 0.33 28.27 8.71
CA VAL B 128 -1.11 27.93 8.73
C VAL B 128 -1.81 28.52 9.97
N TRP B 129 -1.10 28.46 11.10
CA TRP B 129 -1.58 28.96 12.38
C TRP B 129 -1.81 30.48 12.31
N LYS B 130 -0.78 31.20 11.91
CA LYS B 130 -0.87 32.65 11.72
C LYS B 130 -2.09 33.01 10.87
N ASP B 131 -2.38 32.20 9.86
CA ASP B 131 -3.52 32.42 8.97
C ASP B 131 -4.87 32.11 9.62
N LEU B 132 -4.89 31.12 10.51
CA LEU B 132 -6.07 30.90 11.32
C LEU B 132 -6.39 32.11 12.21
N LEU B 133 -5.39 32.80 12.71
CA LEU B 133 -5.59 33.92 13.62
C LEU B 133 -6.07 35.20 12.90
N GLU B 134 -5.61 35.37 11.66
CA GLU B 134 -5.86 36.54 10.84
C GLU B 134 -7.15 36.46 10.02
N ASP B 135 -7.47 35.27 9.54
CA ASP B 135 -8.57 35.05 8.62
C ASP B 135 -9.53 34.09 9.32
N THR B 136 -10.79 34.50 9.50
CA THR B 136 -11.78 33.71 10.23
C THR B 136 -12.98 33.41 9.36
N VAL B 137 -12.82 33.56 8.04
CA VAL B 137 -13.89 33.41 7.05
C VAL B 137 -13.60 32.38 5.94
N THR B 138 -12.39 32.34 5.39
CA THR B 138 -12.17 31.57 4.17
C THR B 138 -12.33 30.06 4.45
N PRO B 139 -13.30 29.41 3.80
CA PRO B 139 -13.38 27.96 4.02
C PRO B 139 -12.06 27.25 3.70
N ILE B 140 -11.83 26.16 4.41
CA ILE B 140 -10.59 25.42 4.33
C ILE B 140 -10.87 24.21 3.46
N ASP B 141 -9.94 23.92 2.58
CA ASP B 141 -10.09 22.78 1.70
C ASP B 141 -9.98 21.50 2.53
N THR B 142 -10.82 20.53 2.17
CA THR B 142 -10.70 19.16 2.67
C THR B 142 -10.64 18.15 1.47
N THR B 143 -10.01 17.01 1.74
CA THR B 143 -10.00 15.86 0.86
C THR B 143 -11.10 14.92 1.31
N ILE B 144 -11.83 14.38 0.34
CA ILE B 144 -12.82 13.35 0.60
C ILE B 144 -12.27 12.04 -0.01
N MET B 145 -12.25 10.98 0.79
CA MET B 145 -11.81 9.65 0.30
C MET B 145 -12.76 8.56 0.76
N ALA B 146 -12.76 7.46 0.03
CA ALA B 146 -13.55 6.30 0.39
C ALA B 146 -12.69 5.45 1.31
N LYS B 147 -13.25 5.04 2.44
CA LYS B 147 -12.57 4.08 3.32
C LYS B 147 -12.66 2.68 2.77
N ASN B 148 -11.57 1.94 2.90
CA ASN B 148 -11.58 0.55 2.57
C ASN B 148 -11.71 -0.23 3.87
N GLU B 149 -12.85 -0.88 4.10
CA GLU B 149 -13.01 -1.77 5.24
C GLU B 149 -13.63 -3.06 4.83
N VAL B 150 -13.30 -4.10 5.59
CA VAL B 150 -13.68 -5.48 5.30
C VAL B 150 -14.94 -5.87 6.05
N PHE B 151 -15.84 -6.57 5.39
CA PHE B 151 -17.04 -7.06 6.04
C PHE B 151 -17.32 -8.48 5.57
N CYS B 152 -18.37 -9.07 6.15
CA CYS B 152 -18.96 -10.33 5.67
C CYS B 152 -20.31 -10.04 5.01
N VAL B 153 -20.67 -10.81 3.97
CA VAL B 153 -21.91 -10.59 3.24
C VAL B 153 -23.16 -10.88 4.07
N GLN B 154 -24.24 -10.16 3.76
CA GLN B 154 -25.60 -10.42 4.28
C GLN B 154 -26.64 -10.16 3.19
N GLY B 159 -25.91 -9.21 0.16
CA GLY B 159 -25.93 -7.77 0.40
C GLY B 159 -24.55 -7.22 0.72
N ARG B 160 -24.28 -5.99 0.25
CA ARG B 160 -22.97 -5.37 0.44
C ARG B 160 -23.04 -3.90 0.72
N LYS B 161 -22.24 -3.47 1.68
CA LYS B 161 -22.22 -2.09 2.15
C LYS B 161 -21.35 -1.24 1.24
N PRO B 162 -21.79 0.00 0.93
CA PRO B 162 -20.88 0.90 0.23
C PRO B 162 -19.81 1.45 1.15
N ALA B 163 -18.72 1.91 0.56
CA ALA B 163 -17.62 2.49 1.30
C ALA B 163 -18.14 3.63 2.16
N ARG B 164 -17.56 3.77 3.36
CA ARG B 164 -17.74 4.97 4.15
C ARG B 164 -16.75 6.02 3.62
N LEU B 165 -17.07 7.28 3.90
CA LEU B 165 -16.31 8.41 3.45
C LEU B 165 -15.59 9.06 4.62
N ILE B 166 -14.39 9.58 4.35
CA ILE B 166 -13.59 10.31 5.31
C ILE B 166 -13.26 11.66 4.71
N VAL B 167 -13.57 12.72 5.44
CA VAL B 167 -13.29 14.10 4.99
C VAL B 167 -12.31 14.73 5.96
N PHE B 168 -11.17 15.18 5.45
CA PHE B 168 -10.11 15.70 6.25
C PHE B 168 -9.32 16.83 5.58
N PRO B 169 -8.88 17.81 6.40
CA PRO B 169 -8.04 18.92 5.94
C PRO B 169 -6.59 18.49 5.85
N ASP B 170 -5.76 19.39 5.33
CA ASP B 170 -4.36 19.12 5.12
C ASP B 170 -3.61 18.88 6.39
N LEU B 171 -2.48 18.19 6.27
CA LEU B 171 -1.62 17.83 7.41
C LEU B 171 -1.29 19.04 8.30
N GLY B 172 -0.93 20.17 7.67
CA GLY B 172 -0.65 21.43 8.35
C GLY B 172 -1.78 21.92 9.24
N VAL B 173 -3.00 21.81 8.72
CA VAL B 173 -4.22 22.20 9.47
C VAL B 173 -4.47 21.22 10.62
N ARG B 174 -4.28 19.93 10.37
CA ARG B 174 -4.44 18.92 11.39
C ARG B 174 -3.52 19.14 12.59
N VAL B 175 -2.28 19.54 12.36
CA VAL B 175 -1.38 19.87 13.47
C VAL B 175 -1.88 21.12 14.26
N CYS B 176 -2.44 22.09 13.54
CA CYS B 176 -3.01 23.28 14.17
C CYS B 176 -4.22 22.96 15.01
N GLU B 177 -5.06 22.05 14.55
CA GLU B 177 -6.20 21.61 15.35
C GLU B 177 -5.72 21.11 16.74
N LYS B 178 -4.66 20.29 16.74
CA LYS B 178 -4.08 19.76 17.95
C LYS B 178 -3.58 20.89 18.85
N MET B 179 -2.85 21.82 18.27
CA MET B 179 -2.34 22.94 19.06
C MET B 179 -3.48 23.68 19.79
N ALA B 180 -4.58 23.94 19.07
CA ALA B 180 -5.75 24.67 19.59
C ALA B 180 -6.64 23.85 20.55
N LEU B 181 -6.86 22.57 20.22
CA LEU B 181 -7.97 21.80 20.74
C LEU B 181 -7.69 20.43 21.37
N TYR B 182 -6.46 19.94 21.29
CA TYR B 182 -6.15 18.64 21.89
C TYR B 182 -6.47 18.58 23.38
N ASP B 183 -5.95 19.54 24.14
CA ASP B 183 -6.24 19.60 25.57
C ASP B 183 -7.73 19.70 25.83
N VAL B 184 -8.46 20.49 25.02
CA VAL B 184 -9.92 20.63 25.16
C VAL B 184 -10.69 19.32 24.91
N VAL B 185 -10.43 18.70 23.77
CA VAL B 185 -11.21 17.50 23.39
C VAL B 185 -10.85 16.29 24.27
N SER B 186 -9.71 16.38 24.91
CA SER B 186 -9.24 15.35 25.83
C SER B 186 -9.83 15.44 27.25
N THR B 187 -10.19 16.67 27.66
CA THR B 187 -10.54 17.01 29.04
C THR B 187 -12.01 17.38 29.24
N LEU B 188 -12.56 18.16 28.32
CA LEU B 188 -13.91 18.73 28.44
C LEU B 188 -15.05 17.72 28.52
N PRO B 189 -15.03 16.67 27.69
CA PRO B 189 -16.18 15.76 27.68
C PRO B 189 -16.42 15.03 29.00
N GLN B 190 -15.36 14.67 29.73
CA GLN B 190 -15.55 13.97 31.00
C GLN B 190 -16.06 14.95 32.05
N VAL B 191 -15.63 16.20 31.95
CA VAL B 191 -16.09 17.24 32.86
C VAL B 191 -17.56 17.53 32.64
N VAL B 192 -17.97 17.65 31.37
CA VAL B 192 -19.35 17.99 31.04
C VAL B 192 -20.34 16.83 31.24
N MET B 193 -19.90 15.59 30.98
CA MET B 193 -20.81 14.43 31.01
C MET B 193 -20.52 13.47 32.15
N GLY B 194 -19.40 13.67 32.85
CA GLY B 194 -19.07 12.84 33.99
C GLY B 194 -19.03 11.37 33.62
N SER B 195 -19.73 10.55 34.40
CA SER B 195 -19.64 9.09 34.26
C SER B 195 -20.32 8.60 32.99
N SER B 196 -20.98 9.52 32.29
CA SER B 196 -21.69 9.20 31.05
C SER B 196 -20.78 9.20 29.82
N TYR B 197 -19.61 9.79 29.95
CA TYR B 197 -18.63 9.79 28.89
C TYR B 197 -17.96 8.41 28.80
N GLY B 198 -18.19 7.71 27.69
CA GLY B 198 -17.79 6.32 27.56
C GLY B 198 -16.33 6.09 27.33
N PHE B 199 -15.68 7.03 26.66
CA PHE B 199 -14.30 6.84 26.20
C PHE B 199 -13.30 6.91 27.34
N GLN B 200 -13.76 7.26 28.54
CA GLN B 200 -12.86 7.26 29.71
C GLN B 200 -12.60 5.84 30.28
N TYR B 201 -13.38 4.85 29.85
CA TYR B 201 -13.41 3.53 30.45
C TYR B 201 -12.60 2.48 29.66
N SER B 202 -11.85 1.65 30.39
CA SER B 202 -11.31 0.41 29.84
C SER B 202 -12.45 -0.54 29.65
N PRO B 203 -12.23 -1.65 28.95
CA PRO B 203 -13.38 -2.57 28.87
C PRO B 203 -13.85 -3.06 30.26
N GLY B 204 -12.93 -3.31 31.17
CA GLY B 204 -13.27 -3.71 32.53
C GLY B 204 -14.09 -2.65 33.24
N GLN B 205 -13.68 -1.40 33.09
CA GLN B 205 -14.40 -0.29 33.73
C GLN B 205 -15.77 -0.13 33.10
N ARG B 206 -15.84 -0.26 31.78
CA ARG B 206 -17.11 -0.14 31.07
C ARG B 206 -18.10 -1.21 31.44
N VAL B 207 -17.68 -2.47 31.51
CA VAL B 207 -18.62 -3.54 31.86
C VAL B 207 -19.15 -3.35 33.31
N GLU B 208 -18.29 -2.83 34.15
CA GLU B 208 -18.62 -2.58 35.54
C GLU B 208 -19.65 -1.45 35.68
N PHE B 209 -19.48 -0.40 34.87
CA PHE B 209 -20.42 0.71 34.85
C PHE B 209 -21.76 0.26 34.35
N LEU B 210 -21.78 -0.55 33.30
CA LEU B 210 -23.06 -1.05 32.78
C LEU B 210 -23.76 -1.92 33.81
N VAL B 211 -23.05 -2.86 34.40
CA VAL B 211 -23.68 -3.78 35.36
C VAL B 211 -24.16 -3.02 36.60
N ASN B 212 -23.33 -2.16 37.13
CA ASN B 212 -23.71 -1.36 38.30
C ASN B 212 -24.92 -0.44 38.07
N THR B 213 -25.07 0.07 36.85
CA THR B 213 -26.19 0.91 36.48
C THR B 213 -27.45 0.06 36.33
N TRP B 214 -27.29 -1.12 35.73
CA TRP B 214 -28.41 -2.03 35.58
C TRP B 214 -28.96 -2.42 36.96
N LYS B 215 -28.03 -2.81 37.83
CA LYS B 215 -28.33 -3.20 39.20
C LYS B 215 -28.90 -2.05 40.00
N SER B 216 -28.45 -0.82 39.73
CA SER B 216 -28.95 0.36 40.44
C SER B 216 -30.43 0.69 40.24
N LYS B 217 -31.10 0.07 39.27
CA LYS B 217 -32.54 0.33 39.05
C LYS B 217 -33.39 -0.76 39.70
N LYS B 218 -34.58 -0.39 40.17
CA LYS B 218 -35.53 -1.33 40.76
C LYS B 218 -36.00 -2.33 39.71
N ASN B 219 -36.47 -1.79 38.58
CA ASN B 219 -36.93 -2.58 37.44
C ASN B 219 -36.29 -2.02 36.16
N PRO B 220 -35.08 -2.47 35.83
CA PRO B 220 -34.31 -1.83 34.76
C PRO B 220 -34.89 -2.09 33.38
N MET B 221 -34.80 -1.07 32.54
CA MET B 221 -35.02 -1.23 31.12
C MET B 221 -33.84 -0.50 30.50
N GLY B 222 -33.46 -0.92 29.30
CA GLY B 222 -32.33 -0.32 28.60
C GLY B 222 -32.57 -0.35 27.11
N PHE B 223 -32.03 0.63 26.41
CA PHE B 223 -32.12 0.65 24.96
C PHE B 223 -30.90 1.36 24.37
N SER B 224 -30.55 1.00 23.14
CA SER B 224 -29.52 1.68 22.40
C SER B 224 -30.25 2.52 21.37
N TYR B 225 -29.68 3.65 20.98
CA TYR B 225 -30.31 4.48 19.95
C TYR B 225 -29.35 4.65 18.78
N ASP B 226 -29.77 4.22 17.62
CA ASP B 226 -28.96 4.27 16.40
C ASP B 226 -29.42 5.42 15.51
N THR B 227 -28.67 6.52 15.49
CA THR B 227 -28.97 7.68 14.63
C THR B 227 -28.50 7.38 13.20
N ARG B 228 -29.39 7.54 12.25
CA ARG B 228 -29.05 7.36 10.86
C ARG B 228 -27.96 8.36 10.46
N CYS B 229 -26.82 7.86 9.97
CA CYS B 229 -25.76 8.70 9.43
C CYS B 229 -25.55 9.97 10.27
N PHE B 230 -25.15 9.75 11.51
CA PHE B 230 -25.06 10.82 12.49
C PHE B 230 -24.31 12.03 11.98
N ASP B 231 -23.18 11.83 11.31
CA ASP B 231 -22.35 12.93 10.87
C ASP B 231 -23.16 13.87 10.00
N SER B 232 -24.01 13.32 9.14
CA SER B 232 -24.80 14.09 8.20
C SER B 232 -25.96 14.79 8.87
N THR B 233 -26.35 14.36 10.05
CA THR B 233 -27.43 15.01 10.78
C THR B 233 -26.95 16.20 11.58
N VAL B 234 -25.63 16.36 11.70
CA VAL B 234 -25.02 17.44 12.45
C VAL B 234 -25.16 18.73 11.58
N THR B 235 -25.78 19.74 12.15
CA THR B 235 -26.14 20.98 11.43
C THR B 235 -25.15 22.05 11.76
N GLU B 236 -25.17 23.14 11.02
CA GLU B 236 -24.37 24.31 11.39
C GLU B 236 -24.66 24.77 12.84
N ASN B 237 -25.92 24.76 13.24
CA ASN B 237 -26.31 25.11 14.60
C ASN B 237 -25.57 24.24 15.60
N ASP B 238 -25.58 22.93 15.36
CA ASP B 238 -24.96 21.96 16.28
C ASP B 238 -23.50 22.29 16.45
N ILE B 239 -22.84 22.60 15.34
CA ILE B 239 -21.39 22.89 15.34
C ILE B 239 -21.02 24.24 15.99
N ARG B 240 -21.88 25.25 15.85
CA ARG B 240 -21.67 26.53 16.52
C ARG B 240 -21.92 26.35 18.02
N VAL B 241 -22.86 25.50 18.38
CA VAL B 241 -23.10 25.18 19.79
C VAL B 241 -21.91 24.45 20.45
N GLU B 242 -21.33 23.51 19.73
CA GLU B 242 -20.14 22.84 20.20
C GLU B 242 -19.09 23.93 20.43
N GLU B 243 -18.94 24.86 19.49
CA GLU B 243 -17.96 25.93 19.68
C GLU B 243 -18.23 26.78 20.94
N SER B 244 -19.49 27.08 21.21
CA SER B 244 -19.84 27.86 22.41
C SER B 244 -19.52 27.08 23.70
N ILE B 245 -19.63 25.75 23.64
CA ILE B 245 -19.19 24.91 24.76
C ILE B 245 -17.67 25.02 24.92
N TYR B 246 -16.94 24.78 23.82
CA TYR B 246 -15.47 24.94 23.86
C TYR B 246 -15.08 26.27 24.45
N GLN B 247 -15.73 27.34 24.00
CA GLN B 247 -15.38 28.69 24.46
C GLN B 247 -15.73 28.98 25.92
N CYS B 248 -16.53 28.16 26.58
CA CYS B 248 -16.69 28.27 28.06
C CYS B 248 -15.43 28.02 28.86
N CYS B 249 -14.54 27.17 28.33
CA CYS B 249 -13.26 26.91 28.96
C CYS B 249 -12.45 28.16 29.13
N ASP B 250 -11.56 28.09 30.12
CA ASP B 250 -10.52 29.06 30.37
C ASP B 250 -9.39 28.73 29.37
N LEU B 251 -9.33 29.55 28.32
CA LEU B 251 -8.38 29.44 27.21
C LEU B 251 -7.58 30.72 27.05
N ALA B 252 -6.37 30.59 26.51
CA ALA B 252 -5.58 31.73 26.10
C ALA B 252 -6.26 32.44 24.94
N PRO B 253 -6.02 33.75 24.79
CA PRO B 253 -6.62 34.48 23.65
C PRO B 253 -6.33 33.91 22.25
N GLU B 254 -5.09 33.48 21.97
CA GLU B 254 -4.80 32.83 20.67
C GLU B 254 -5.62 31.57 20.47
N ALA B 255 -5.72 30.73 21.50
CA ALA B 255 -6.56 29.53 21.42
C ALA B 255 -8.03 29.86 21.08
N ARG B 256 -8.61 30.89 21.73
CA ARG B 256 -10.00 31.29 21.42
C ARG B 256 -10.17 31.67 19.93
N GLN B 257 -9.20 32.41 19.41
CA GLN B 257 -9.26 32.89 18.03
C GLN B 257 -9.13 31.70 17.05
N ALA B 258 -8.17 30.82 17.30
CA ALA B 258 -8.02 29.61 16.46
C ALA B 258 -9.28 28.73 16.43
N ILE B 259 -9.94 28.59 17.57
CA ILE B 259 -11.15 27.76 17.69
C ILE B 259 -12.34 28.40 16.98
N LYS B 260 -12.45 29.73 17.08
CA LYS B 260 -13.46 30.46 16.27
C LYS B 260 -13.18 30.23 14.79
N SER B 261 -11.93 30.41 14.41
CA SER B 261 -11.50 30.31 13.02
C SER B 261 -11.70 28.89 12.46
N LEU B 262 -11.27 27.86 13.22
CA LEU B 262 -11.45 26.49 12.75
C LEU B 262 -12.90 26.16 12.62
N THR B 263 -13.71 26.66 13.55
CA THR B 263 -15.14 26.45 13.49
C THR B 263 -15.75 27.11 12.25
N GLU B 264 -15.42 28.37 11.98
CA GLU B 264 -16.01 29.09 10.85
C GLU B 264 -15.54 28.50 9.53
N ARG B 265 -14.25 28.16 9.48
CA ARG B 265 -13.57 27.86 8.21
C ARG B 265 -13.47 26.37 7.89
N LEU B 266 -13.59 25.51 8.90
CA LEU B 266 -13.43 24.05 8.74
C LEU B 266 -14.61 23.25 9.31
N TYR B 267 -14.88 23.38 10.59
CA TYR B 267 -15.88 22.50 11.19
C TYR B 267 -17.30 22.64 10.67
N ILE B 268 -17.71 23.87 10.36
CA ILE B 268 -19.07 24.16 9.91
C ILE B 268 -19.30 23.62 8.52
N GLY B 269 -18.27 23.68 7.68
CA GLY B 269 -18.43 23.22 6.31
C GLY B 269 -17.29 23.64 5.44
N GLY B 270 -17.36 23.22 4.18
CA GLY B 270 -16.28 23.51 3.27
C GLY B 270 -16.28 22.67 2.01
N PRO B 271 -15.44 23.07 1.04
CA PRO B 271 -15.36 22.41 -0.25
C PRO B 271 -14.70 21.03 -0.09
N LEU B 272 -15.10 20.10 -0.95
CA LEU B 272 -14.61 18.72 -0.92
C LEU B 272 -13.81 18.47 -2.18
N THR B 273 -12.59 17.97 -2.01
CA THR B 273 -11.67 17.73 -3.12
C THR B 273 -11.29 16.24 -3.17
N ASN B 274 -11.21 15.66 -4.36
CA ASN B 274 -10.78 14.27 -4.46
C ASN B 274 -9.30 14.16 -4.50
N SER B 275 -8.77 12.93 -4.46
CA SER B 275 -7.33 12.71 -4.51
C SER B 275 -6.70 13.26 -5.79
N LYS B 276 -7.48 13.36 -6.86
CA LYS B 276 -6.96 13.91 -8.12
C LYS B 276 -7.04 15.45 -8.17
N GLY B 277 -7.50 16.06 -7.10
CA GLY B 277 -7.53 17.50 -7.01
C GLY B 277 -8.75 18.14 -7.64
N GLN B 278 -9.77 17.37 -7.98
CA GLN B 278 -11.01 17.93 -8.55
C GLN B 278 -12.02 18.24 -7.45
N ASN B 279 -12.83 19.28 -7.66
CA ASN B 279 -13.86 19.65 -6.72
C ASN B 279 -15.03 18.69 -6.84
N CYS B 280 -15.38 18.06 -5.71
CA CYS B 280 -16.44 17.07 -5.64
C CYS B 280 -17.72 17.66 -5.15
N GLY B 281 -17.65 18.73 -4.39
CA GLY B 281 -18.83 19.39 -3.92
C GLY B 281 -18.54 20.11 -2.63
N TYR B 282 -19.55 20.15 -1.76
CA TYR B 282 -19.51 21.01 -0.57
C TYR B 282 -20.22 20.35 0.61
N ARG B 283 -19.60 20.49 1.77
CA ARG B 283 -20.09 19.90 3.03
C ARG B 283 -20.67 20.98 3.94
N ARG B 284 -21.82 20.71 4.54
CA ARG B 284 -22.40 21.59 5.55
C ARG B 284 -22.83 20.77 6.77
N CYS B 285 -22.00 19.79 7.12
CA CYS B 285 -22.24 18.88 8.23
C CYS B 285 -20.90 18.49 8.85
N ARG B 286 -20.91 17.56 9.80
CA ARG B 286 -19.68 17.13 10.47
C ARG B 286 -18.70 16.53 9.45
N ALA B 287 -17.46 17.01 9.48
CA ALA B 287 -16.35 16.35 8.83
C ALA B 287 -15.97 15.14 9.68
N SER B 288 -15.80 13.98 9.04
CA SER B 288 -15.48 12.72 9.72
C SER B 288 -14.02 12.61 10.13
N GLY B 289 -13.18 13.51 9.62
CA GLY B 289 -11.74 13.45 9.76
C GLY B 289 -11.13 14.69 10.35
N VAL B 290 -11.71 15.19 11.43
CA VAL B 290 -11.12 16.30 12.15
C VAL B 290 -11.00 15.95 13.64
N LEU B 291 -10.17 16.70 14.35
CA LEU B 291 -9.88 16.43 15.75
C LEU B 291 -11.11 16.39 16.64
N THR B 292 -12.07 17.25 16.32
CA THR B 292 -13.29 17.45 17.10
C THR B 292 -14.39 16.51 16.70
N THR B 293 -14.15 15.61 15.77
CA THR B 293 -15.19 14.66 15.38
C THR B 293 -15.76 13.86 16.56
N SER B 294 -14.90 13.30 17.40
CA SER B 294 -15.37 12.44 18.49
C SER B 294 -16.01 13.27 19.60
N CYS B 295 -15.30 14.29 20.06
CA CYS B 295 -15.82 15.21 21.09
C CYS B 295 -17.12 15.92 20.69
N GLY B 296 -17.18 16.47 19.48
CA GLY B 296 -18.39 17.12 19.00
C GLY B 296 -19.54 16.17 18.85
N ASN B 297 -19.29 14.98 18.30
CA ASN B 297 -20.33 13.94 18.23
C ASN B 297 -20.84 13.54 19.62
N THR B 298 -19.91 13.39 20.56
CA THR B 298 -20.29 12.97 21.93
C THR B 298 -21.18 14.02 22.59
N LEU B 299 -20.69 15.24 22.62
CA LEU B 299 -21.44 16.39 23.22
C LEU B 299 -22.79 16.54 22.59
N THR B 300 -22.81 16.49 21.25
CA THR B 300 -24.03 16.74 20.55
C THR B 300 -25.02 15.57 20.69
N CYS B 301 -24.52 14.33 20.68
CA CYS B 301 -25.38 13.18 20.95
C CYS B 301 -25.92 13.26 22.39
N TYR B 302 -25.07 13.63 23.32
CA TYR B 302 -25.48 13.76 24.72
C TYR B 302 -26.56 14.86 24.97
N LEU B 303 -26.30 16.04 24.42
CA LEU B 303 -27.25 17.18 24.46
C LEU B 303 -28.64 16.77 23.95
N LYS B 304 -28.69 16.29 22.71
CA LYS B 304 -29.95 15.87 22.11
C LYS B 304 -30.63 14.73 22.84
N ALA B 305 -29.86 13.70 23.22
CA ALA B 305 -30.38 12.53 23.96
C ALA B 305 -30.86 12.92 25.38
N SER B 306 -30.12 13.76 26.09
CA SER B 306 -30.55 14.21 27.41
C SER B 306 -31.87 14.95 27.34
N ALA B 307 -31.96 15.88 26.41
CA ALA B 307 -33.16 16.67 26.17
C ALA B 307 -34.34 15.78 25.77
N ALA B 308 -34.09 14.74 24.96
CA ALA B 308 -35.12 13.78 24.54
C ALA B 308 -35.59 12.81 25.66
N CYS B 309 -34.69 12.46 26.57
CA CYS B 309 -35.07 11.75 27.78
C CYS B 309 -36.09 12.56 28.57
N ARG B 310 -35.82 13.87 28.72
CA ARG B 310 -36.75 14.77 29.39
C ARG B 310 -38.09 14.86 28.68
N ALA B 311 -38.09 14.98 27.34
CA ALA B 311 -39.34 14.96 26.57
C ALA B 311 -40.12 13.68 26.81
N ALA B 312 -39.43 12.55 26.77
CA ALA B 312 -40.08 11.27 26.92
C ALA B 312 -40.41 10.94 28.36
N LYS B 313 -39.93 11.79 29.29
CA LYS B 313 -40.20 11.66 30.72
C LYS B 313 -39.67 10.33 31.27
N LEU B 314 -38.55 9.87 30.71
CA LEU B 314 -37.93 8.62 31.17
C LEU B 314 -37.43 8.80 32.59
N GLN B 315 -37.61 7.77 33.42
CA GLN B 315 -37.38 7.90 34.85
C GLN B 315 -35.99 7.36 35.27
N ASP B 316 -35.28 8.15 36.06
CA ASP B 316 -33.98 7.76 36.62
C ASP B 316 -33.06 7.21 35.53
N CYS B 317 -32.85 8.04 34.50
N CYS B 317 -32.88 7.96 34.44
CA CYS B 317 -32.04 7.70 33.32
CA CYS B 317 -32.13 7.43 33.32
C CYS B 317 -30.56 7.71 33.61
C CYS B 317 -30.64 7.74 33.41
N THR B 318 -29.86 6.74 33.04
CA THR B 318 -28.41 6.81 32.99
C THR B 318 -28.05 6.60 31.52
N MET B 319 -27.31 7.55 30.99
CA MET B 319 -26.80 7.49 29.62
C MET B 319 -25.33 7.11 29.60
N LEU B 320 -24.93 6.39 28.55
CA LEU B 320 -23.54 6.08 28.26
C LEU B 320 -23.32 6.39 26.79
N VAL B 321 -22.46 7.35 26.52
CA VAL B 321 -22.32 7.95 25.19
C VAL B 321 -20.89 7.84 24.69
N ASN B 322 -20.72 7.24 23.50
CA ASN B 322 -19.41 7.19 22.84
C ASN B 322 -19.55 7.77 21.44
N GLY B 323 -19.20 9.04 21.26
CA GLY B 323 -19.48 9.72 19.99
C GLY B 323 -20.95 9.60 19.69
N ASP B 324 -21.28 8.94 18.60
CA ASP B 324 -22.67 8.75 18.22
C ASP B 324 -23.27 7.45 18.77
N ASP B 325 -22.50 6.66 19.49
CA ASP B 325 -23.04 5.42 20.07
C ASP B 325 -23.68 5.76 21.43
N LEU B 326 -24.94 5.40 21.55
CA LEU B 326 -25.72 5.79 22.72
C LEU B 326 -26.51 4.64 23.28
N VAL B 327 -26.36 4.41 24.58
CA VAL B 327 -27.23 3.47 25.28
C VAL B 327 -27.81 4.17 26.51
N VAL B 328 -29.08 3.92 26.78
CA VAL B 328 -29.74 4.46 27.98
C VAL B 328 -30.28 3.32 28.86
N ILE B 329 -30.01 3.39 30.17
CA ILE B 329 -30.64 2.51 31.12
C ILE B 329 -31.47 3.34 32.11
N CYS B 330 -32.73 2.98 32.29
CA CYS B 330 -33.67 3.75 33.12
C CYS B 330 -34.63 2.81 33.87
N GLU B 331 -35.57 3.39 34.64
CA GLU B 331 -36.60 2.59 35.32
C GLU B 331 -37.70 2.29 34.35
N SER B 332 -38.18 1.06 34.39
CA SER B 332 -39.24 0.59 33.53
C SER B 332 -40.63 0.93 34.08
N ALA B 333 -41.53 1.36 33.18
CA ALA B 333 -42.94 1.62 33.50
C ALA B 333 -43.85 0.51 32.92
N GLY B 334 -43.27 -0.67 32.71
CA GLY B 334 -43.95 -1.79 32.07
C GLY B 334 -43.71 -1.75 30.57
N THR B 335 -43.84 -2.91 29.92
CA THR B 335 -43.52 -3.01 28.49
C THR B 335 -44.22 -2.01 27.57
N GLN B 336 -45.53 -1.82 27.77
CA GLN B 336 -46.33 -1.01 26.83
C GLN B 336 -46.06 0.48 26.97
N GLU B 337 -45.82 0.91 28.21
CA GLU B 337 -45.50 2.30 28.47
C GLU B 337 -44.08 2.58 28.01
N ASP B 338 -43.16 1.63 28.26
CA ASP B 338 -41.77 1.73 27.78
C ASP B 338 -41.75 1.88 26.27
N ALA B 339 -42.63 1.15 25.57
CA ALA B 339 -42.67 1.22 24.12
C ALA B 339 -43.15 2.62 23.69
N ALA B 340 -44.18 3.15 24.37
CA ALA B 340 -44.65 4.50 24.09
C ALA B 340 -43.54 5.54 24.32
N SER B 341 -42.88 5.46 25.46
CA SER B 341 -41.80 6.38 25.81
C SER B 341 -40.69 6.44 24.76
N LEU B 342 -40.29 5.28 24.21
CA LEU B 342 -39.20 5.24 23.24
C LEU B 342 -39.62 5.94 21.94
N ARG B 343 -40.89 5.80 21.57
CA ARG B 343 -41.46 6.53 20.43
C ARG B 343 -41.42 8.04 20.64
N VAL B 344 -41.74 8.52 21.83
CA VAL B 344 -41.57 9.95 22.15
C VAL B 344 -40.09 10.36 22.16
N PHE B 345 -39.23 9.49 22.68
CA PHE B 345 -37.78 9.74 22.67
C PHE B 345 -37.28 9.96 21.24
N THR B 346 -37.71 9.08 20.34
CA THR B 346 -37.35 9.11 18.92
C THR B 346 -37.95 10.31 18.17
N GLU B 347 -39.19 10.65 18.48
CA GLU B 347 -39.83 11.88 17.98
C GLU B 347 -39.03 13.13 18.32
N ALA B 348 -38.44 13.16 19.51
CA ALA B 348 -37.71 14.31 20.01
C ALA B 348 -36.35 14.41 19.37
N MET B 349 -35.67 13.26 19.28
CA MET B 349 -34.38 13.21 18.61
C MET B 349 -34.55 13.60 17.15
N THR B 350 -35.67 13.18 16.56
CA THR B 350 -35.97 13.51 15.15
C THR B 350 -36.17 15.00 14.90
N ARG B 351 -36.88 15.67 15.82
CA ARG B 351 -37.06 17.13 15.74
C ARG B 351 -35.74 17.84 15.97
N TYR B 352 -34.85 17.21 16.74
CA TYR B 352 -33.50 17.76 16.93
C TYR B 352 -32.53 17.39 15.80
N SER B 353 -33.01 16.74 14.74
N SER B 353 -33.04 16.66 14.80
CA SER B 353 -32.18 16.31 13.61
CA SER B 353 -32.34 16.28 13.55
C SER B 353 -31.21 15.21 14.06
C SER B 353 -31.59 14.95 13.58
N ALA B 354 -31.76 14.16 14.63
CA ALA B 354 -31.05 12.89 14.80
C ALA B 354 -32.05 11.73 14.71
N PRO B 355 -32.63 11.50 13.51
CA PRO B 355 -33.63 10.44 13.44
C PRO B 355 -32.94 9.07 13.43
N PRO B 356 -33.68 8.00 13.70
CA PRO B 356 -33.15 6.66 13.86
C PRO B 356 -32.93 5.90 12.56
N GLY B 357 -31.95 5.00 12.58
CA GLY B 357 -31.87 3.95 11.57
C GLY B 357 -32.90 2.92 11.98
N ASP B 358 -32.48 1.92 12.74
CA ASP B 358 -33.43 0.99 13.34
C ASP B 358 -34.03 1.68 14.56
N PRO B 359 -35.36 1.62 14.69
CA PRO B 359 -35.99 2.22 15.84
C PRO B 359 -35.56 1.50 17.12
N PRO B 360 -35.36 2.25 18.21
CA PRO B 360 -34.85 1.61 19.42
C PRO B 360 -35.88 0.62 19.92
N GLN B 361 -35.42 -0.42 20.61
CA GLN B 361 -36.35 -1.36 21.23
C GLN B 361 -35.99 -1.54 22.70
N PRO B 362 -37.01 -1.57 23.58
CA PRO B 362 -36.72 -1.73 24.99
C PRO B 362 -36.18 -3.13 25.29
N GLU B 363 -35.19 -3.22 26.16
CA GLU B 363 -34.64 -4.49 26.63
C GLU B 363 -34.66 -4.61 28.15
N TYR B 364 -34.97 -5.81 28.64
CA TYR B 364 -35.12 -6.11 30.06
C TYR B 364 -34.08 -7.13 30.58
N ASP B 365 -33.08 -7.40 29.76
CA ASP B 365 -31.99 -8.29 30.07
C ASP B 365 -30.74 -7.59 29.55
N LEU B 366 -29.84 -7.25 30.45
CA LEU B 366 -28.66 -6.49 30.08
C LEU B 366 -27.82 -7.14 28.98
N GLU B 367 -27.78 -8.47 28.97
CA GLU B 367 -26.97 -9.21 28.00
C GLU B 367 -27.49 -9.06 26.59
N LEU B 368 -28.75 -8.62 26.45
CA LEU B 368 -29.37 -8.48 25.15
C LEU B 368 -29.22 -7.06 24.57
N ILE B 369 -28.55 -6.18 25.30
CA ILE B 369 -28.31 -4.82 24.81
C ILE B 369 -26.93 -4.77 24.09
N THR B 370 -26.92 -4.15 22.91
CA THR B 370 -25.69 -3.90 22.18
C THR B 370 -25.35 -2.42 22.20
N SER B 371 -24.15 -2.11 22.66
CA SER B 371 -23.67 -0.74 22.67
C SER B 371 -22.19 -0.83 22.49
N CYS B 372 -21.64 0.15 21.79
CA CYS B 372 -20.28 0.04 21.25
C CYS B 372 -20.02 -1.33 20.57
N SER B 373 -21.04 -1.82 19.85
CA SER B 373 -21.02 -3.06 19.12
C SER B 373 -20.88 -4.30 19.99
N SER B 374 -21.11 -4.15 21.30
CA SER B 374 -20.81 -5.22 22.27
C SER B 374 -21.99 -5.47 23.20
N ASN B 375 -22.04 -6.67 23.74
CA ASN B 375 -23.00 -7.00 24.77
C ASN B 375 -22.28 -7.57 25.98
N VAL B 376 -22.90 -7.39 27.14
CA VAL B 376 -22.45 -8.04 28.38
C VAL B 376 -22.71 -9.56 28.31
N SER B 377 -21.76 -10.33 28.82
CA SER B 377 -21.99 -11.75 29.02
C SER B 377 -21.29 -12.19 30.28
N VAL B 378 -21.47 -13.47 30.62
CA VAL B 378 -20.94 -14.01 31.86
C VAL B 378 -20.14 -15.30 31.66
N ALA B 379 -18.95 -15.35 32.27
CA ALA B 379 -18.17 -16.57 32.41
C ALA B 379 -17.78 -16.73 33.90
N HIS B 380 -16.80 -17.60 34.17
CA HIS B 380 -16.32 -17.87 35.54
C HIS B 380 -14.81 -17.89 35.63
N ASP B 381 -14.27 -17.38 36.73
CA ASP B 381 -12.83 -17.37 36.94
C ASP B 381 -12.37 -18.71 37.54
N ALA B 382 -11.09 -18.79 37.92
CA ALA B 382 -10.50 -20.03 38.44
C ALA B 382 -11.25 -20.61 39.65
N SER B 383 -11.88 -19.74 40.43
CA SER B 383 -12.55 -20.09 41.70
C SER B 383 -14.03 -20.36 41.53
N GLY B 384 -14.52 -20.31 40.30
CA GLY B 384 -15.93 -20.52 40.03
C GLY B 384 -16.73 -19.23 40.15
N LYS B 385 -16.08 -18.12 40.49
CA LYS B 385 -16.78 -16.84 40.62
C LYS B 385 -17.23 -16.28 39.27
N ARG B 386 -18.49 -15.85 39.20
CA ARG B 386 -19.04 -15.16 38.02
C ARG B 386 -18.27 -13.91 37.73
N VAL B 387 -17.88 -13.74 36.46
CA VAL B 387 -17.30 -12.49 35.99
C VAL B 387 -18.01 -12.02 34.72
N TYR B 388 -18.43 -10.76 34.74
CA TYR B 388 -19.03 -10.10 33.57
C TYR B 388 -17.96 -9.59 32.62
N TYR B 389 -18.22 -9.68 31.33
CA TYR B 389 -17.24 -9.17 30.37
C TYR B 389 -17.98 -8.80 29.09
N LEU B 390 -17.29 -8.05 28.22
CA LEU B 390 -17.88 -7.59 26.97
C LEU B 390 -17.44 -8.45 25.79
N THR B 391 -18.43 -8.86 25.03
CA THR B 391 -18.24 -9.66 23.85
C THR B 391 -19.07 -9.10 22.69
N ARG B 392 -18.97 -9.75 21.53
CA ARG B 392 -19.78 -9.43 20.36
C ARG B 392 -19.81 -10.61 19.42
N ASP B 393 -20.67 -10.56 18.43
CA ASP B 393 -20.63 -11.53 17.34
C ASP B 393 -19.26 -11.40 16.64
N PRO B 394 -18.52 -12.52 16.51
CA PRO B 394 -17.18 -12.41 15.92
C PRO B 394 -17.12 -12.46 14.37
N THR B 395 -18.25 -12.43 13.68
CA THR B 395 -18.22 -12.47 12.20
C THR B 395 -17.29 -11.41 11.60
N THR B 396 -17.48 -10.12 11.95
CA THR B 396 -16.65 -9.08 11.34
C THR B 396 -15.19 -9.17 11.76
N PRO B 397 -14.92 -9.29 13.08
CA PRO B 397 -13.55 -9.52 13.49
C PRO B 397 -12.84 -10.65 12.74
N LEU B 398 -13.56 -11.74 12.50
CA LEU B 398 -12.99 -12.91 11.80
C LEU B 398 -12.86 -12.74 10.29
N ALA B 399 -13.79 -12.05 9.65
CA ALA B 399 -13.65 -11.66 8.24
C ALA B 399 -12.46 -10.73 8.08
N ARG B 400 -12.28 -9.77 8.99
CA ARG B 400 -11.10 -8.89 8.91
C ARG B 400 -9.81 -9.63 9.19
N ALA B 401 -9.84 -10.56 10.16
CA ALA B 401 -8.69 -11.42 10.45
C ALA B 401 -8.27 -12.19 9.18
N ALA B 402 -9.24 -12.70 8.46
CA ALA B 402 -8.97 -13.37 7.18
C ALA B 402 -8.25 -12.47 6.21
N TRP B 403 -8.66 -11.20 6.14
CA TRP B 403 -8.04 -10.28 5.21
C TRP B 403 -6.62 -9.99 5.64
N GLU B 404 -6.44 -9.84 6.94
CA GLU B 404 -5.16 -9.46 7.49
C GLU B 404 -4.19 -10.63 7.57
N THR B 405 -4.69 -11.82 7.37
CA THR B 405 -3.82 -13.00 7.23
C THR B 405 -3.04 -12.91 5.90
N ALA B 406 -3.63 -12.31 4.87
CA ALA B 406 -2.99 -12.26 3.54
C ALA B 406 -2.47 -10.89 3.17
N ARG B 407 -2.83 -9.85 3.91
CA ARG B 407 -2.47 -8.48 3.56
C ARG B 407 -2.16 -7.67 4.78
N HIS B 408 -1.02 -6.98 4.76
CA HIS B 408 -0.67 -6.06 5.83
C HIS B 408 -1.47 -4.78 5.64
N THR B 409 -2.29 -4.46 6.63
CA THR B 409 -3.15 -3.30 6.59
C THR B 409 -2.62 -2.21 7.50
N PRO B 410 -2.99 -0.95 7.22
CA PRO B 410 -2.61 0.16 8.09
C PRO B 410 -3.14 0.00 9.51
N VAL B 411 -4.33 -0.58 9.66
CA VAL B 411 -4.83 -0.92 10.98
C VAL B 411 -5.03 -2.42 11.13
N ASN B 412 -4.32 -2.98 12.11
CA ASN B 412 -4.40 -4.39 12.44
C ASN B 412 -5.53 -4.60 13.39
N SER B 413 -6.71 -4.87 12.85
CA SER B 413 -7.90 -4.94 13.66
C SER B 413 -7.89 -6.13 14.59
N TRP B 414 -7.09 -7.17 14.25
CA TRP B 414 -7.02 -8.38 15.07
C TRP B 414 -6.38 -8.04 16.41
N LEU B 415 -5.38 -7.18 16.37
CA LEU B 415 -4.71 -6.73 17.54
C LEU B 415 -5.63 -5.87 18.41
N GLY B 416 -6.40 -4.97 17.78
CA GLY B 416 -7.38 -4.17 18.51
C GLY B 416 -8.38 -5.08 19.18
N ASN B 417 -8.83 -6.09 18.44
CA ASN B 417 -9.83 -7.02 18.94
C ASN B 417 -9.31 -7.93 20.05
N ILE B 418 -8.06 -8.39 19.95
CA ILE B 418 -7.45 -9.16 21.04
C ILE B 418 -7.34 -8.31 22.30
N ILE B 419 -6.92 -7.06 22.12
CA ILE B 419 -6.76 -6.16 23.27
C ILE B 419 -8.07 -5.90 24.00
N MET B 420 -9.08 -5.52 23.23
CA MET B 420 -10.34 -5.03 23.79
C MET B 420 -11.31 -6.18 24.09
N TYR B 421 -11.08 -7.33 23.46
CA TYR B 421 -11.94 -8.48 23.67
C TYR B 421 -11.18 -9.70 24.23
N ALA B 422 -10.06 -9.47 24.88
CA ALA B 422 -9.23 -10.53 25.46
C ALA B 422 -9.95 -11.60 26.29
N PRO B 423 -10.97 -11.25 27.08
CA PRO B 423 -11.64 -12.31 27.88
C PRO B 423 -12.60 -13.20 27.11
N THR B 424 -12.82 -12.89 25.83
CA THR B 424 -13.85 -13.61 25.07
C THR B 424 -13.30 -14.96 24.63
N LEU B 425 -14.20 -15.92 24.43
CA LEU B 425 -13.86 -17.24 23.96
C LEU B 425 -13.22 -17.14 22.56
N TRP B 426 -13.82 -16.34 21.69
CA TRP B 426 -13.38 -16.30 20.28
C TRP B 426 -12.02 -15.61 20.10
N ALA B 427 -11.76 -14.56 20.87
CA ALA B 427 -10.50 -13.88 20.80
C ALA B 427 -9.36 -14.76 21.30
N ARG B 428 -9.62 -15.47 22.39
CA ARG B 428 -8.61 -16.29 23.04
C ARG B 428 -8.26 -17.51 22.21
N MET B 429 -9.28 -18.22 21.76
CA MET B 429 -9.08 -19.50 21.11
C MET B 429 -8.70 -19.37 19.64
N ILE B 430 -9.25 -18.36 18.95
CA ILE B 430 -9.01 -18.20 17.53
C ILE B 430 -8.01 -17.13 17.20
N LEU B 431 -8.30 -15.87 17.58
CA LEU B 431 -7.40 -14.81 17.17
C LEU B 431 -6.01 -14.90 17.75
N MET B 432 -5.89 -15.13 19.05
CA MET B 432 -4.57 -15.21 19.65
C MET B 432 -3.81 -16.40 19.03
N THR B 433 -4.49 -17.54 18.88
CA THR B 433 -3.82 -18.77 18.39
C THR B 433 -3.27 -18.53 16.96
N HIS B 434 -4.14 -18.03 16.11
CA HIS B 434 -3.80 -17.78 14.70
C HIS B 434 -2.67 -16.80 14.53
N PHE B 435 -2.76 -15.64 15.18
CA PHE B 435 -1.79 -14.59 14.89
C PHE B 435 -0.48 -14.83 15.58
N PHE B 436 -0.48 -15.42 16.78
CA PHE B 436 0.80 -15.82 17.37
C PHE B 436 1.50 -16.89 16.52
N SER B 437 0.73 -17.79 15.93
CA SER B 437 1.27 -18.78 15.00
C SER B 437 2.01 -18.09 13.85
N ILE B 438 1.40 -17.07 13.27
CA ILE B 438 1.99 -16.34 12.15
C ILE B 438 3.24 -15.56 12.57
N LEU B 439 3.21 -14.94 13.75
CA LEU B 439 4.32 -14.11 14.23
C LEU B 439 5.52 -14.95 14.65
N LEU B 440 5.28 -16.13 15.20
CA LEU B 440 6.36 -17.12 15.42
C LEU B 440 7.06 -17.47 14.10
N ALA B 441 6.28 -17.86 13.10
CA ALA B 441 6.77 -18.28 11.78
C ALA B 441 7.65 -17.22 11.13
N GLN B 442 7.26 -15.95 11.26
CA GLN B 442 8.03 -14.85 10.66
C GLN B 442 9.01 -14.20 11.60
N GLU B 443 9.12 -14.72 12.82
CA GLU B 443 9.90 -14.08 13.87
C GLU B 443 9.59 -12.58 14.05
N GLN B 444 8.31 -12.22 14.07
CA GLN B 444 7.89 -10.80 14.24
C GLN B 444 7.23 -10.52 15.59
N LEU B 445 7.47 -11.37 16.59
CA LEU B 445 6.93 -11.14 17.94
C LEU B 445 7.29 -9.77 18.50
N GLU B 446 8.52 -9.30 18.28
CA GLU B 446 8.98 -7.98 18.79
C GLU B 446 8.66 -6.80 17.86
N LYS B 447 8.00 -7.04 16.73
CA LYS B 447 7.78 -5.99 15.76
C LYS B 447 6.53 -5.20 16.12
N ALA B 448 6.69 -3.88 16.34
CA ALA B 448 5.57 -3.01 16.72
C ALA B 448 4.60 -2.86 15.56
N LEU B 449 3.32 -3.13 15.86
CA LEU B 449 2.21 -3.01 14.90
C LEU B 449 1.23 -1.92 15.34
N ASP B 450 0.59 -1.27 14.37
CA ASP B 450 -0.35 -0.21 14.68
C ASP B 450 -1.73 -0.78 14.86
N CYS B 451 -2.45 -0.26 15.85
CA CYS B 451 -3.88 -0.50 15.93
C CYS B 451 -4.56 0.73 16.49
N GLN B 452 -5.87 0.74 16.43
CA GLN B 452 -6.67 1.92 16.83
C GLN B 452 -7.61 1.55 17.94
N ILE B 453 -7.44 2.19 19.09
CA ILE B 453 -8.35 2.02 20.22
C ILE B 453 -9.01 3.38 20.51
N TYR B 454 -10.32 3.41 20.51
CA TYR B 454 -11.08 4.66 20.66
C TYR B 454 -10.64 5.73 19.68
N GLY B 455 -10.22 5.29 18.48
CA GLY B 455 -9.91 6.16 17.38
C GLY B 455 -8.48 6.64 17.33
N ALA B 456 -7.76 6.46 18.43
CA ALA B 456 -6.36 6.85 18.49
C ALA B 456 -5.52 5.69 17.99
N CYS B 457 -4.35 5.98 17.43
N CYS B 457 -4.33 6.00 17.47
CA CYS B 457 -3.47 4.95 16.89
CA CYS B 457 -3.41 5.03 16.90
C CYS B 457 -2.33 4.67 17.86
C CYS B 457 -2.35 4.68 17.91
N TYR B 458 -2.17 3.40 18.20
CA TYR B 458 -1.15 2.95 19.15
C TYR B 458 -0.18 2.06 18.41
N SER B 459 1.10 2.21 18.70
CA SER B 459 2.11 1.29 18.21
C SER B 459 2.42 0.30 19.33
N ILE B 460 2.11 -0.97 19.11
CA ILE B 460 2.15 -2.01 20.16
C ILE B 460 2.97 -3.24 19.71
N GLU B 461 3.88 -3.71 20.56
CA GLU B 461 4.58 -4.98 20.33
C GLU B 461 3.72 -6.13 20.85
N PRO B 462 3.42 -7.12 19.99
CA PRO B 462 2.67 -8.31 20.43
C PRO B 462 3.16 -8.97 21.73
N LEU B 463 4.47 -8.94 21.99
CA LEU B 463 5.00 -9.54 23.23
C LEU B 463 4.51 -8.84 24.49
N ASP B 464 4.02 -7.61 24.36
CA ASP B 464 3.48 -6.85 25.51
C ASP B 464 2.01 -7.07 25.75
N LEU B 465 1.41 -7.97 25.00
CA LEU B 465 0.00 -8.22 25.17
C LEU B 465 -0.41 -8.69 26.58
N PRO B 466 0.32 -9.66 27.18
CA PRO B 466 -0.13 -10.12 28.51
C PRO B 466 -0.36 -8.97 29.52
N GLN B 467 0.61 -8.07 29.62
CA GLN B 467 0.61 -6.93 30.54
C GLN B 467 -0.50 -5.93 30.19
N ILE B 468 -0.65 -5.67 28.91
CA ILE B 468 -1.72 -4.80 28.45
C ILE B 468 -3.06 -5.39 28.87
N ILE B 469 -3.21 -6.69 28.61
CA ILE B 469 -4.43 -7.40 28.94
C ILE B 469 -4.68 -7.40 30.46
N GLU B 470 -3.63 -7.55 31.27
CA GLU B 470 -3.78 -7.57 32.73
C GLU B 470 -4.38 -6.23 33.14
N ARG B 471 -3.79 -5.16 32.64
CA ARG B 471 -4.18 -3.81 33.03
C ARG B 471 -5.59 -3.41 32.58
N LEU B 472 -6.02 -3.82 31.40
CA LEU B 472 -7.35 -3.45 30.93
C LEU B 472 -8.49 -4.29 31.50
N HIS B 473 -8.19 -5.54 31.88
CA HIS B 473 -9.21 -6.54 32.19
C HIS B 473 -9.01 -7.32 33.50
N GLY B 474 -7.83 -7.23 34.09
CA GLY B 474 -7.45 -8.13 35.19
C GLY B 474 -6.92 -9.49 34.78
N LEU B 475 -6.30 -10.17 35.75
CA LEU B 475 -5.76 -11.52 35.54
C LEU B 475 -6.83 -12.51 35.19
N SER B 476 -8.08 -12.24 35.55
CA SER B 476 -9.14 -13.18 35.28
C SER B 476 -9.34 -13.42 33.78
N ALA B 477 -9.03 -12.43 32.94
CA ALA B 477 -9.02 -12.58 31.47
C ALA B 477 -8.31 -13.84 30.99
N PHE B 478 -7.25 -14.20 31.71
CA PHE B 478 -6.44 -15.39 31.44
C PHE B 478 -6.99 -16.70 32.03
N SER B 479 -8.08 -16.61 32.80
CA SER B 479 -8.62 -17.76 33.56
C SER B 479 -10.09 -18.03 33.27
N LEU B 480 -10.76 -17.22 32.45
CA LEU B 480 -12.20 -17.39 32.28
C LEU B 480 -12.55 -18.74 31.69
N HIS B 481 -13.67 -19.31 32.13
CA HIS B 481 -14.17 -20.59 31.63
C HIS B 481 -15.65 -20.69 31.93
N SER B 482 -16.29 -21.76 31.49
CA SER B 482 -17.74 -21.93 31.63
C SER B 482 -18.48 -20.70 31.10
N TYR B 483 -18.22 -20.42 29.84
CA TYR B 483 -18.91 -19.36 29.13
C TYR B 483 -20.38 -19.74 29.04
N SER B 484 -21.23 -18.78 28.67
CA SER B 484 -22.68 -19.00 28.63
C SER B 484 -23.01 -19.78 27.38
N PRO B 485 -24.03 -20.66 27.45
CA PRO B 485 -24.54 -21.38 26.28
C PRO B 485 -24.88 -20.53 25.03
N GLY B 486 -25.51 -19.36 25.23
CA GLY B 486 -25.84 -18.48 24.12
C GLY B 486 -24.61 -17.92 23.46
N GLU B 487 -23.59 -17.61 24.24
CA GLU B 487 -22.33 -17.11 23.71
C GLU B 487 -21.52 -18.21 22.98
N ILE B 488 -21.48 -19.41 23.54
CA ILE B 488 -20.82 -20.54 22.88
C ILE B 488 -21.53 -20.82 21.57
N ASN B 489 -22.86 -20.79 21.59
CA ASN B 489 -23.61 -21.10 20.39
C ASN B 489 -23.39 -20.06 19.27
N ARG B 490 -23.26 -18.79 19.61
CA ARG B 490 -23.09 -17.76 18.61
C ARG B 490 -21.74 -17.89 17.92
N VAL B 491 -20.72 -18.23 18.71
CA VAL B 491 -19.36 -18.39 18.19
C VAL B 491 -19.31 -19.60 17.27
N ALA B 492 -19.70 -20.78 17.77
CA ALA B 492 -19.79 -22.01 16.98
C ALA B 492 -20.59 -21.83 15.67
N SER B 493 -21.75 -21.20 15.79
CA SER B 493 -22.60 -20.83 14.62
C SER B 493 -21.89 -19.96 13.57
N CYS B 494 -21.14 -18.98 14.06
CA CYS B 494 -20.36 -18.11 13.21
C CYS B 494 -19.25 -18.87 12.47
N LEU B 495 -18.56 -19.75 13.20
CA LEU B 495 -17.50 -20.55 12.61
C LEU B 495 -18.00 -21.40 11.46
N ARG B 496 -19.19 -21.98 11.63
CA ARG B 496 -19.82 -22.77 10.58
C ARG B 496 -20.18 -21.90 9.36
N LYS B 497 -20.84 -20.78 9.60
CA LYS B 497 -21.22 -19.85 8.51
C LYS B 497 -20.02 -19.44 7.66
N LEU B 498 -18.90 -19.15 8.32
CA LEU B 498 -17.70 -18.63 7.66
C LEU B 498 -16.72 -19.74 7.22
N GLY B 499 -16.96 -20.97 7.68
CA GLY B 499 -16.08 -22.09 7.35
C GLY B 499 -14.77 -21.97 8.09
N VAL B 500 -14.87 -21.53 9.34
CA VAL B 500 -13.75 -21.47 10.23
C VAL B 500 -13.71 -22.84 10.92
N PRO B 501 -12.51 -23.39 11.15
CA PRO B 501 -12.44 -24.66 11.88
C PRO B 501 -13.05 -24.60 13.28
N PRO B 502 -13.59 -25.74 13.79
CA PRO B 502 -14.22 -25.76 15.12
C PRO B 502 -13.25 -25.49 16.28
N LEU B 503 -13.78 -25.10 17.44
CA LEU B 503 -12.95 -24.67 18.58
C LEU B 503 -12.00 -25.77 19.07
N ARG B 504 -12.38 -27.02 18.86
CA ARG B 504 -11.53 -28.16 19.25
C ARG B 504 -10.23 -28.20 18.45
N VAL B 505 -10.29 -27.76 17.19
CA VAL B 505 -9.11 -27.65 16.35
C VAL B 505 -8.18 -26.56 16.88
N TRP B 506 -8.75 -25.40 17.22
CA TRP B 506 -8.01 -24.27 17.75
C TRP B 506 -7.30 -24.60 19.07
N ARG B 507 -7.97 -25.37 19.92
CA ARG B 507 -7.35 -25.83 21.16
C ARG B 507 -6.07 -26.63 20.88
N HIS B 508 -6.15 -27.53 19.93
CA HIS B 508 -4.97 -28.31 19.50
C HIS B 508 -3.84 -27.40 19.02
N ARG B 509 -4.16 -26.44 18.14
CA ARG B 509 -3.13 -25.49 17.64
C ARG B 509 -2.55 -24.64 18.74
N ALA B 510 -3.39 -24.23 19.69
CA ALA B 510 -2.91 -23.37 20.77
C ALA B 510 -1.89 -24.09 21.64
N ARG B 511 -2.12 -25.38 21.88
CA ARG B 511 -1.14 -26.15 22.64
C ARG B 511 0.20 -26.16 21.90
N SER B 512 0.16 -26.34 20.58
CA SER B 512 1.36 -26.16 19.75
C SER B 512 1.93 -24.75 19.88
N VAL B 513 1.13 -23.73 19.58
CA VAL B 513 1.62 -22.33 19.67
C VAL B 513 2.21 -22.02 21.05
N ARG B 514 1.53 -22.47 22.09
CA ARG B 514 2.03 -22.30 23.48
C ARG B 514 3.41 -22.92 23.73
N ALA B 515 3.62 -24.16 23.27
CA ALA B 515 4.93 -24.85 23.41
C ALA B 515 6.01 -24.07 22.68
N ARG B 516 5.71 -23.73 21.43
CA ARG B 516 6.57 -22.88 20.61
C ARG B 516 6.98 -21.59 21.30
N LEU B 517 6.03 -20.95 21.97
CA LEU B 517 6.34 -19.73 22.71
C LEU B 517 7.16 -20.02 23.98
N LEU B 518 6.80 -21.08 24.71
CA LEU B 518 7.59 -21.39 25.91
C LEU B 518 9.03 -21.68 25.51
N SER B 519 9.23 -22.41 24.41
CA SER B 519 10.58 -22.72 23.92
C SER B 519 11.49 -21.47 23.77
N GLN B 520 10.92 -20.31 23.44
CA GLN B 520 11.73 -19.10 23.19
C GLN B 520 12.16 -18.40 24.46
N GLY B 521 11.47 -18.70 25.54
CA GLY B 521 11.78 -18.10 26.83
C GLY B 521 11.43 -16.65 26.86
N GLY B 522 11.70 -16.01 27.98
CA GLY B 522 11.54 -14.58 28.11
C GLY B 522 10.11 -14.10 27.84
N ARG B 523 10.00 -12.98 27.12
CA ARG B 523 8.71 -12.35 26.86
C ARG B 523 7.80 -13.28 26.05
N ALA B 524 8.39 -14.01 25.10
CA ALA B 524 7.63 -15.01 24.33
C ALA B 524 7.03 -16.07 25.25
N ALA B 525 7.81 -16.58 26.20
CA ALA B 525 7.34 -17.63 27.12
C ALA B 525 6.21 -17.14 28.03
N THR B 526 6.35 -15.91 28.53
CA THR B 526 5.25 -15.22 29.25
C THR B 526 3.96 -15.16 28.44
N CYS B 527 4.05 -14.92 27.14
CA CYS B 527 2.87 -14.97 26.27
C CYS B 527 2.30 -16.36 26.24
N GLY B 528 3.18 -17.35 26.09
CA GLY B 528 2.75 -18.74 26.15
C GLY B 528 2.09 -19.00 27.49
N LYS B 529 2.78 -18.62 28.55
CA LYS B 529 2.28 -18.89 29.92
C LYS B 529 0.89 -18.29 30.13
N TYR B 530 0.71 -17.00 29.85
CA TYR B 530 -0.57 -16.30 30.15
C TYR B 530 -1.71 -16.46 29.15
N LEU B 531 -1.41 -16.21 27.87
CA LEU B 531 -2.44 -16.20 26.85
C LEU B 531 -3.00 -17.57 26.53
N PHE B 532 -2.25 -18.65 26.77
CA PHE B 532 -2.66 -20.00 26.34
C PHE B 532 -2.79 -21.02 27.49
N ASN B 533 -2.90 -20.51 28.72
CA ASN B 533 -3.15 -21.35 29.89
C ASN B 533 -4.47 -22.09 29.76
N TRP B 534 -5.44 -21.48 29.07
CA TRP B 534 -6.72 -22.15 28.78
C TRP B 534 -6.54 -23.45 27.97
N ALA B 535 -5.38 -23.62 27.35
CA ALA B 535 -5.18 -24.71 26.37
C ALA B 535 -4.64 -25.99 26.98
N VAL B 536 -4.15 -25.92 28.21
CA VAL B 536 -3.56 -27.09 28.89
C VAL B 536 -4.41 -27.54 30.10
N LYS B 537 -4.48 -28.85 30.32
CA LYS B 537 -5.19 -29.40 31.49
C LYS B 537 -4.45 -29.11 32.80
N THR B 538 -3.15 -29.34 32.83
CA THR B 538 -2.34 -28.94 33.98
C THR B 538 -2.04 -27.45 33.90
N LYS B 539 -3.03 -26.65 34.33
CA LYS B 539 -2.91 -25.20 34.35
C LYS B 539 -1.80 -24.71 35.29
N LEU B 540 -1.07 -23.71 34.83
CA LEU B 540 -0.17 -22.95 35.69
C LEU B 540 -1.05 -22.03 36.55
N LYS B 541 -0.54 -21.53 37.68
CA LYS B 541 -1.24 -20.45 38.40
C LYS B 541 -0.57 -19.13 38.05
N LEU B 542 -1.40 -18.21 37.59
CA LEU B 542 -0.93 -16.98 36.98
C LEU B 542 -0.93 -15.88 38.04
N THR B 543 0.22 -15.23 38.17
CA THR B 543 0.44 -14.19 39.17
C THR B 543 0.67 -12.86 38.45
N PRO B 544 0.45 -11.73 39.14
CA PRO B 544 0.64 -10.42 38.53
C PRO B 544 1.95 -10.31 37.79
N ILE B 545 1.90 -9.81 36.56
CA ILE B 545 3.08 -9.68 35.73
C ILE B 545 3.82 -8.43 36.18
N PRO B 546 5.11 -8.55 36.54
CA PRO B 546 5.90 -7.39 36.98
C PRO B 546 5.94 -6.22 36.00
N ALA B 547 6.22 -6.51 34.73
CA ALA B 547 6.21 -5.48 33.68
C ALA B 547 4.87 -4.71 33.60
N ALA B 548 3.76 -5.32 34.04
CA ALA B 548 2.43 -4.71 33.95
C ALA B 548 2.31 -3.41 34.74
N SER B 549 2.80 -3.42 35.98
CA SER B 549 2.79 -2.21 36.81
C SER B 549 3.65 -1.08 36.22
N ARG B 550 4.69 -1.46 35.48
CA ARG B 550 5.61 -0.49 34.86
C ARG B 550 5.03 0.14 33.58
N LEU B 551 4.09 -0.54 32.95
CA LEU B 551 3.52 -0.12 31.66
C LEU B 551 2.94 1.28 31.75
N ASP B 552 3.32 2.15 30.81
CA ASP B 552 2.78 3.49 30.79
C ASP B 552 1.51 3.51 29.96
N LEU B 553 0.38 3.25 30.62
CA LEU B 553 -0.94 3.21 29.97
C LEU B 553 -1.70 4.55 30.09
N SER B 554 -0.98 5.64 30.31
CA SER B 554 -1.52 6.98 30.08
C SER B 554 -1.59 7.22 28.56
N GLY B 555 -2.57 8.02 28.15
CA GLY B 555 -2.90 8.12 26.74
C GLY B 555 -3.96 7.10 26.35
N TRP B 556 -4.19 6.11 27.23
CA TRP B 556 -5.22 5.10 27.04
C TRP B 556 -6.47 5.47 27.83
N PHE B 557 -7.62 5.41 27.16
CA PHE B 557 -8.89 5.64 27.82
C PHE B 557 -8.91 6.99 28.54
N VAL B 558 -8.41 8.01 27.86
CA VAL B 558 -8.66 9.36 28.31
C VAL B 558 -9.84 9.90 27.53
N ALA B 559 -9.76 9.79 26.22
CA ALA B 559 -10.81 10.30 25.36
C ALA B 559 -10.82 9.52 24.05
N GLY B 560 -11.82 9.84 23.23
CA GLY B 560 -11.93 9.30 21.91
C GLY B 560 -11.43 10.29 20.89
N TYR B 561 -10.89 9.77 19.78
CA TYR B 561 -10.17 10.61 18.80
C TYR B 561 -10.39 10.11 17.37
N SER B 562 -11.56 9.53 17.13
CA SER B 562 -11.88 8.98 15.83
C SER B 562 -11.91 10.06 14.78
N GLY B 563 -11.00 9.93 13.81
CA GLY B 563 -10.88 10.83 12.67
C GLY B 563 -9.86 11.90 12.98
N GLY B 564 -9.38 11.92 14.21
CA GLY B 564 -8.62 13.04 14.75
C GLY B 564 -7.12 12.99 14.63
N ASP B 565 -6.60 11.97 13.95
CA ASP B 565 -5.18 11.94 13.59
C ASP B 565 -4.27 11.99 14.82
N ILE B 566 -4.58 11.15 15.81
CA ILE B 566 -3.81 11.11 17.05
C ILE B 566 -3.01 9.79 17.19
N TYR B 567 -1.80 9.91 17.69
CA TYR B 567 -0.90 8.77 17.81
C TYR B 567 -0.11 8.77 19.10
N HIS B 568 -0.07 7.60 19.76
CA HIS B 568 0.77 7.36 20.94
C HIS B 568 1.77 6.19 20.72
N SER B 569 3.06 6.50 20.84
CA SER B 569 4.11 5.48 20.87
C SER B 569 4.55 5.29 22.32
C1 H5U C . 13.49 -0.76 -17.37
C2 H5U C . 12.34 -0.31 -17.99
C3 H5U C . 12.42 1.19 -18.10
N4 H5U C . 13.64 1.54 -17.36
C5 H5U C . 14.28 0.41 -16.98
O6 H5U C . 15.32 0.39 -16.33
O7 H5U C . 11.32 -1.06 -18.48
C8 H5U C . 14.09 2.87 -16.99
C9 H5U C . 13.17 3.24 -15.81
C10 H5U C . 12.55 1.56 -19.64
C11 H5U C . 15.52 -2.09 -15.04
C12 H5U C . 16.39 -2.80 -14.23
C13 H5U C . 16.56 -4.16 -14.41
C14 H5U C . 15.85 -4.78 -15.43
C15 H5U C . 14.78 -2.70 -16.09
C16 H5U C . 14.99 -4.09 -16.22
S17 H5U C . 13.94 -4.58 -17.54
N18 H5U C . 13.33 -3.06 -17.95
C19 H5U C . 13.82 -2.19 -17.11
O20 H5U C . 14.77 -5.06 -18.60
O21 H5U C . 12.82 -5.36 -17.11
C22 H5U C . 11.23 1.28 -20.35
C23 H5U C . 12.93 3.02 -19.90
C24 H5U C . 13.60 0.72 -20.40
C25 H5U C . 12.99 2.37 -14.72
C26 H5U C . 12.15 2.71 -13.66
C27 H5U C . 11.45 3.93 -13.68
C28 H5U C . 11.60 4.79 -14.77
C29 H5U C . 12.45 4.44 -15.83
F30 H5U C . 10.60 4.26 -12.66
C31 H5U C . 15.94 -6.25 -15.73
N32 H5U C . 17.09 -6.87 -15.10
S33 H5U C . 17.01 -8.52 -14.99
C34 H5U C . 17.66 -9.12 -16.57
O35 H5U C . 17.97 -8.78 -14.00
O36 H5U C . 15.67 -8.88 -14.91
C1 H5U D . -14.23 1.14 19.50
C2 H5U D . -12.99 0.63 19.77
C3 H5U D . -13.12 -0.82 20.18
N4 H5U D . -14.59 -1.03 20.20
C5 H5U D . -15.22 0.08 19.77
O6 H5U D . -16.44 0.17 19.70
O7 H5U D . -11.85 1.31 19.68
C8 H5U D . -15.35 -2.19 20.68
C9 H5U D . -15.27 -2.05 22.20
C10 H5U D . -12.40 -1.69 19.07
C11 H5U D . -16.99 2.92 19.68
C12 H5U D . -18.08 3.77 19.55
C13 H5U D . -17.99 4.96 18.85
C14 H5U D . -16.78 5.29 18.26
C15 H5U D . -15.75 3.25 19.09
C16 H5U D . -15.70 4.47 18.40
S17 H5U D . -14.02 4.60 17.81
N18 H5U D . -13.49 3.11 18.39
C19 H5U D . -14.46 2.54 19.02
O20 H5U D . -14.09 4.54 16.41
O21 H5U D . -13.31 5.62 18.48
C22 H5U D . -10.88 -1.58 19.17
C23 H5U D . -12.74 -3.18 19.20
C24 H5U D . -12.70 -1.27 17.60
C25 H5U D . -15.60 -0.84 22.82
C26 H5U D . -15.53 -0.68 24.19
C27 H5U D . -15.10 -1.76 24.96
C28 H5U D . -14.75 -2.98 24.37
C29 H5U D . -14.84 -3.11 23.00
F30 H5U D . -15.03 -1.63 26.30
C31 H5U D . -16.53 6.55 17.50
N32 H5U D . -17.72 7.22 17.03
S33 H5U D . -17.52 8.81 16.64
C34 H5U D . -17.17 8.76 14.84
O35 H5U D . -18.76 9.45 16.88
O36 H5U D . -16.35 9.30 17.26
#